data_4PJ8
#
_entry.id   4PJ8
#
_cell.length_a   113.570
_cell.length_b   113.570
_cell.length_c   227.981
_cell.angle_alpha   90.00
_cell.angle_beta   90.00
_cell.angle_gamma   120.00
#
_symmetry.space_group_name_H-M   'P 31 2 1'
#
loop_
_entity.id
_entity.type
_entity.pdbx_description
1 polymer 'Major histocompatibility complex class I-related gene protein'
2 polymer Beta-2-microglobulin
3 polymer TCR-alpha
4 polymer TCR-beta
5 non-polymer 1-deoxy-1-({2,6-dioxo-5-[(E)-propylideneamino]-1,2,3,6-tetrahydropyrimidin-4-yl}amino)-D-ribitol
6 non-polymer 'SODIUM ION'
7 water water
#
loop_
_entity_poly.entity_id
_entity_poly.type
_entity_poly.pdbx_seq_one_letter_code
_entity_poly.pdbx_strand_id
1 'polypeptide(L)'
;MRTHSLRYFRLGVSDPIHGVPEFISVGYVDSHPITTYDSVTRQKEPRAPWMAENLAPDHWERYTQLLRGWQQMFKVELKR
LQRHYNHSGSHTYQRMIGCELLEDGSTTGFLQYAYDGQDFLIFNKDTLSWLAVDNVAHTIKQAWEANQHELLYQKNWLEE
ECIAWLKRFLEYGKDTLQRTEPPLVRVNRKETFPGVTALFCKAHGFYPPEIYMTWMKNGEEIVQEIDYGDILPSGDGTYQ
AWASIELDPQSSNLYSCHVEHSGVHMVLQVP
;
A
2 'polypeptide(L)'
;IQRTPKIQVYSRHPAENGKSNFLNCYVSGFHPSDIEVDLLKNGERIEKVEHSDLSFSKDWSFYLLYYTEFTPTEKDEYAC
RVNHVTLSQPKIVKWDRDM
;
B
3 'polypeptide(L)'
;GQNIDQPTEMTATEGAIVQINCTYQTSGFNGLFWYQQHAGEAPTFLSYNVLDGLEEKGRFSSFLSRSKGYSYLLLKELQM
KDSASYLCAFMDSNYQLIWGAGTKLIIKPDIQNPDPAVYQLRDSKSSDKSVCLFTDFDSQTNVSQSKDSDVYITDKCVLD
MRSMDFKSNSAVAWSNKSDFACANAFNNSIIPEDTFFPSPESS
;
C
4 'polypeptide(L)'
;MGAVVSQHPSWVISKSGTSVKIECRSLDFQATTMFWYRQFPKQSLMLMATSNEGSKATYEQGVEKDKFLINHASLTLSTL
TVTSAHPEDSSFYICSARTSGDFGEQFFGPGTRLTVLEDLKNVFPPEVAVFEPSEAEISHTQKATLVCLATGFYPDHVEL
SWWVNGKEVHSGVCTDPQPLKEQPALNDSRYALSSRLRVSATFWQNPRNHFRCQVQFYGLSENDEWTQDRAKPVTQIVSA
EAWGRAD
;
D
#
# COMPACT_ATOMS: atom_id res chain seq x y z
N ARG A 2 -28.52 3.10 19.11
CA ARG A 2 -27.80 2.72 20.34
C ARG A 2 -26.27 2.84 20.23
N THR A 3 -25.59 3.08 21.37
CA THR A 3 -24.13 3.28 21.38
C THR A 3 -23.39 1.93 21.17
N HIS A 4 -22.57 1.88 20.10
CA HIS A 4 -21.87 0.67 19.69
C HIS A 4 -20.38 0.90 19.49
N SER A 5 -19.63 -0.22 19.45
CA SER A 5 -18.17 -0.21 19.30
C SER A 5 -17.66 -1.36 18.38
N LEU A 6 -16.51 -1.09 17.75
CA LEU A 6 -15.75 -2.02 16.93
C LEU A 6 -14.30 -1.94 17.38
N ARG A 7 -13.72 -3.03 17.87
CA ARG A 7 -12.33 -2.99 18.32
C ARG A 7 -11.64 -4.31 18.04
N TYR A 8 -10.43 -4.22 17.49
CA TYR A 8 -9.60 -5.38 17.19
C TYR A 8 -8.43 -5.42 18.13
N PHE A 9 -8.13 -6.60 18.70
CA PHE A 9 -6.99 -6.79 19.62
C PHE A 9 -5.91 -7.61 18.98
N ARG A 10 -4.65 -7.30 19.31
CA ARG A 10 -3.46 -8.04 18.91
C ARG A 10 -2.64 -8.49 20.15
N LEU A 11 -2.14 -9.72 20.12
CA LEU A 11 -1.35 -10.28 21.20
C LEU A 11 -0.19 -11.10 20.71
N GLY A 12 0.99 -10.77 21.21
CA GLY A 12 2.25 -11.45 20.96
C GLY A 12 2.87 -11.93 22.26
N VAL A 13 3.34 -13.17 22.27
CA VAL A 13 3.99 -13.76 23.44
C VAL A 13 5.40 -14.16 23.04
N SER A 14 6.39 -13.77 23.85
CA SER A 14 7.81 -14.01 23.63
C SER A 14 8.17 -15.50 23.72
N ASP A 15 7.65 -16.22 24.72
CA ASP A 15 7.97 -17.64 24.87
C ASP A 15 6.65 -18.51 24.81
N PRO A 16 6.16 -18.84 23.57
CA PRO A 16 4.92 -19.63 23.46
C PRO A 16 5.04 -21.10 23.90
N ILE A 17 3.88 -21.73 24.15
CA ILE A 17 3.73 -23.12 24.60
C ILE A 17 3.43 -24.04 23.40
N VAL A 20 -0.24 -22.61 23.69
CA VAL A 20 -0.39 -21.15 23.59
C VAL A 20 0.31 -20.60 22.28
N PRO A 21 -0.46 -19.89 21.39
CA PRO A 21 0.14 -19.40 20.14
C PRO A 21 1.00 -18.15 20.35
N GLU A 22 2.02 -17.97 19.48
CA GLU A 22 2.93 -16.83 19.54
C GLU A 22 2.18 -15.53 19.25
N PHE A 23 1.17 -15.56 18.35
CA PHE A 23 0.41 -14.38 17.98
C PHE A 23 -1.08 -14.67 17.82
N ILE A 24 -1.95 -13.78 18.35
CA ILE A 24 -3.41 -13.86 18.20
C ILE A 24 -3.97 -12.52 18.01
N SER A 25 -5.03 -12.46 17.17
CA SER A 25 -5.76 -11.25 16.86
C SER A 25 -7.23 -11.56 16.76
N VAL A 26 -8.07 -10.80 17.47
CA VAL A 26 -9.51 -11.03 17.45
C VAL A 26 -10.23 -9.70 17.46
N GLY A 27 -11.30 -9.64 16.68
CA GLY A 27 -12.18 -8.49 16.51
C GLY A 27 -13.47 -8.68 17.26
N TYR A 28 -14.05 -7.54 17.67
CA TYR A 28 -15.30 -7.46 18.42
C TYR A 28 -16.17 -6.28 18.00
N VAL A 29 -17.47 -6.56 17.73
CA VAL A 29 -18.53 -5.57 17.56
C VAL A 29 -19.28 -5.65 18.87
N ASP A 30 -19.13 -4.61 19.71
CA ASP A 30 -19.64 -4.58 21.08
C ASP A 30 -18.91 -5.68 21.87
N SER A 31 -19.61 -6.57 22.60
CA SER A 31 -18.96 -7.63 23.38
C SER A 31 -18.93 -8.98 22.61
N HIS A 32 -19.21 -8.92 21.30
CA HIS A 32 -19.27 -10.09 20.44
C HIS A 32 -18.04 -10.33 19.64
N PRO A 33 -17.35 -11.49 19.77
CA PRO A 33 -16.23 -11.77 18.87
C PRO A 33 -16.76 -12.00 17.46
N ILE A 34 -16.20 -11.31 16.48
CA ILE A 34 -16.68 -11.39 15.11
C ILE A 34 -15.62 -11.99 14.19
N THR A 35 -14.32 -11.87 14.53
CA THR A 35 -13.22 -12.40 13.70
C THR A 35 -12.10 -12.97 14.54
N THR A 36 -11.34 -13.93 14.00
CA THR A 36 -10.20 -14.49 14.70
C THR A 36 -9.10 -14.95 13.70
N TYR A 37 -7.85 -14.76 14.13
CA TYR A 37 -6.61 -15.14 13.45
C TYR A 37 -5.56 -15.53 14.49
N ASP A 38 -4.78 -16.57 14.18
CA ASP A 38 -3.69 -17.00 15.06
C ASP A 38 -2.55 -17.57 14.23
N SER A 39 -1.36 -17.65 14.87
CA SER A 39 -0.14 -18.13 14.23
C SER A 39 -0.19 -19.64 13.96
N VAL A 40 -1.13 -20.37 14.57
CA VAL A 40 -1.14 -21.81 14.33
C VAL A 40 -2.13 -22.19 13.20
N THR A 41 -3.06 -21.28 12.82
CA THR A 41 -3.99 -21.49 11.72
C THR A 41 -3.50 -20.76 10.49
N ARG A 42 -2.89 -19.57 10.71
CA ARG A 42 -2.37 -18.61 9.73
C ARG A 42 -3.50 -18.21 8.75
N GLN A 43 -4.78 -18.34 9.19
CA GLN A 43 -5.99 -18.00 8.41
C GLN A 43 -7.02 -17.20 9.22
N LYS A 44 -7.48 -16.06 8.66
CA LYS A 44 -8.55 -15.26 9.28
C LYS A 44 -9.86 -16.00 9.09
N GLU A 45 -10.59 -16.20 10.19
CA GLU A 45 -11.83 -16.95 10.21
C GLU A 45 -12.89 -16.15 10.90
N PRO A 46 -14.18 -16.41 10.63
CA PRO A 46 -15.23 -15.64 11.33
C PRO A 46 -15.55 -16.26 12.68
N ARG A 47 -16.22 -15.52 13.56
CA ARG A 47 -16.62 -16.05 14.85
C ARG A 47 -18.13 -16.10 14.92
N ALA A 48 -18.81 -15.07 14.39
CA ALA A 48 -20.27 -15.02 14.34
C ALA A 48 -20.75 -15.53 12.98
N PRO A 49 -21.84 -16.34 12.91
CA PRO A 49 -22.27 -16.88 11.60
C PRO A 49 -22.64 -15.79 10.57
N TRP A 50 -23.27 -14.68 11.02
CA TRP A 50 -23.70 -13.58 10.16
C TRP A 50 -22.54 -12.84 9.46
N MET A 51 -21.31 -13.04 9.95
CA MET A 51 -20.11 -12.50 9.35
C MET A 51 -19.83 -13.25 8.05
N ALA A 52 -19.73 -14.60 8.17
CA ALA A 52 -19.43 -15.55 7.10
C ALA A 52 -20.45 -15.46 5.98
N GLU A 53 -21.72 -15.30 6.34
CA GLU A 53 -22.87 -15.20 5.46
C GLU A 53 -22.76 -13.96 4.55
N ASN A 54 -22.37 -12.82 5.14
CA ASN A 54 -22.32 -11.51 4.50
C ASN A 54 -21.00 -11.08 3.86
N LEU A 55 -19.85 -11.57 4.36
CA LEU A 55 -18.60 -11.14 3.74
C LEU A 55 -18.15 -12.15 2.68
N ALA A 56 -17.75 -11.62 1.52
CA ALA A 56 -17.30 -12.36 0.34
C ALA A 56 -16.08 -13.22 0.63
N PRO A 57 -15.86 -14.32 -0.14
CA PRO A 57 -14.66 -15.16 0.10
C PRO A 57 -13.34 -14.41 -0.10
N ASP A 58 -13.34 -13.37 -0.96
CA ASP A 58 -12.19 -12.52 -1.24
C ASP A 58 -11.76 -11.72 0.02
N HIS A 59 -12.74 -11.29 0.86
CA HIS A 59 -12.47 -10.52 2.09
C HIS A 59 -11.51 -11.27 3.00
N TRP A 60 -11.84 -12.55 3.31
CA TRP A 60 -11.03 -13.38 4.19
C TRP A 60 -9.66 -13.64 3.61
N GLU A 61 -9.58 -13.93 2.30
CA GLU A 61 -8.32 -14.13 1.58
C GLU A 61 -7.38 -12.94 1.77
N ARG A 62 -7.89 -11.70 1.51
CA ARG A 62 -7.12 -10.45 1.56
C ARG A 62 -6.66 -10.05 2.96
N TYR A 63 -7.54 -10.12 3.97
CA TYR A 63 -7.13 -9.78 5.33
C TYR A 63 -6.21 -10.87 5.95
N THR A 64 -6.25 -12.12 5.43
CA THR A 64 -5.38 -13.19 5.92
C THR A 64 -3.93 -12.85 5.59
N GLN A 65 -3.65 -12.34 4.36
CA GLN A 65 -2.30 -11.93 3.92
C GLN A 65 -1.86 -10.73 4.70
N LEU A 66 -2.83 -9.87 5.03
CA LEU A 66 -2.59 -8.68 5.83
C LEU A 66 -2.14 -9.11 7.23
N LEU A 67 -2.95 -9.97 7.90
CA LEU A 67 -2.70 -10.54 9.22
C LEU A 67 -1.40 -11.36 9.27
N ARG A 68 -1.08 -12.16 8.22
CA ARG A 68 0.17 -12.90 8.14
C ARG A 68 1.37 -11.93 8.23
N GLY A 69 1.24 -10.78 7.57
CA GLY A 69 2.25 -9.73 7.58
C GLY A 69 2.30 -8.98 8.90
N TRP A 70 1.13 -8.74 9.52
CA TRP A 70 1.03 -8.06 10.81
C TRP A 70 1.67 -8.85 11.90
N GLN A 71 1.51 -10.20 11.88
CA GLN A 71 2.09 -11.18 12.83
C GLN A 71 3.61 -11.07 12.82
N GLN A 72 4.19 -10.96 11.62
CA GLN A 72 5.61 -10.84 11.38
C GLN A 72 6.13 -9.54 12.00
N MET A 73 5.41 -8.42 11.82
CA MET A 73 5.82 -7.14 12.39
C MET A 73 5.81 -7.18 13.93
N PHE A 74 4.83 -7.90 14.51
CA PHE A 74 4.66 -8.03 15.96
C PHE A 74 5.82 -8.84 16.56
N LYS A 75 6.34 -9.85 15.81
CA LYS A 75 7.47 -10.70 16.20
C LYS A 75 8.69 -9.84 16.41
N VAL A 76 9.04 -9.08 15.37
CA VAL A 76 10.18 -8.18 15.27
C VAL A 76 10.12 -7.06 16.34
N GLU A 77 8.93 -6.43 16.53
CA GLU A 77 8.73 -5.38 17.53
C GLU A 77 8.95 -5.94 18.95
N LEU A 78 8.40 -7.12 19.25
CA LEU A 78 8.54 -7.72 20.58
C LEU A 78 10.00 -8.10 20.86
N LYS A 79 10.76 -8.59 19.84
CA LYS A 79 12.16 -8.97 20.07
C LYS A 79 12.99 -7.75 20.45
N ARG A 80 12.78 -6.63 19.71
CA ARG A 80 13.47 -5.35 19.90
C ARG A 80 13.15 -4.72 21.26
N LEU A 81 11.88 -4.76 21.66
CA LEU A 81 11.45 -4.24 22.95
C LEU A 81 12.07 -5.04 24.09
N GLN A 82 12.11 -6.38 23.94
CA GLN A 82 12.68 -7.29 24.93
C GLN A 82 14.17 -6.98 25.16
N ARG A 83 14.95 -6.78 24.04
CA ARG A 83 16.38 -6.49 24.05
C ARG A 83 16.70 -5.10 24.55
N HIS A 84 15.84 -4.10 24.24
CA HIS A 84 16.09 -2.71 24.66
C HIS A 84 15.87 -2.57 26.15
N TYR A 85 15.17 -3.53 26.75
CA TYR A 85 14.93 -3.55 28.18
C TYR A 85 15.92 -4.46 28.93
N ASN A 86 16.62 -5.38 28.22
CA ASN A 86 17.48 -6.48 28.72
C ASN A 86 16.66 -7.25 29.79
N HIS A 87 15.37 -7.40 29.44
CA HIS A 87 14.29 -8.02 30.16
C HIS A 87 14.40 -9.57 30.07
N SER A 88 14.67 -10.21 31.23
CA SER A 88 14.79 -11.67 31.31
C SER A 88 13.41 -12.32 31.48
N GLY A 89 13.24 -13.47 30.84
CA GLY A 89 12.03 -14.26 30.90
C GLY A 89 11.06 -14.10 29.74
N SER A 90 9.76 -14.35 30.03
CA SER A 90 8.68 -14.25 29.06
C SER A 90 7.99 -12.90 29.17
N HIS A 91 7.67 -12.31 28.02
CA HIS A 91 7.04 -11.00 27.95
C HIS A 91 5.91 -10.98 26.93
N THR A 92 5.00 -10.00 27.06
CA THR A 92 3.86 -9.89 26.15
C THR A 92 3.68 -8.50 25.58
N TYR A 93 3.35 -8.48 24.29
CA TYR A 93 3.06 -7.29 23.49
C TYR A 93 1.57 -7.30 23.10
N GLN A 94 0.89 -6.15 23.23
CA GLN A 94 -0.54 -6.06 22.94
C GLN A 94 -0.92 -4.78 22.24
N ARG A 95 -1.76 -4.89 21.21
CA ARG A 95 -2.24 -3.72 20.49
C ARG A 95 -3.74 -3.68 20.58
N MET A 96 -4.33 -2.45 20.59
CA MET A 96 -5.78 -2.26 20.58
C MET A 96 -6.18 -1.03 19.83
N ILE A 97 -7.10 -1.21 18.88
CA ILE A 97 -7.63 -0.19 17.98
C ILE A 97 -9.14 -0.31 17.92
N GLY A 98 -9.84 0.83 17.96
CA GLY A 98 -11.28 0.84 17.93
C GLY A 98 -12.06 2.06 17.52
N CYS A 99 -13.38 1.94 17.69
CA CYS A 99 -14.48 2.79 17.29
C CYS A 99 -15.44 2.98 18.38
N GLU A 100 -16.19 4.06 18.30
CA GLU A 100 -17.31 4.26 19.19
C GLU A 100 -18.24 5.17 18.48
N LEU A 101 -19.33 4.59 17.98
CA LEU A 101 -20.37 5.35 17.33
C LEU A 101 -21.41 5.60 18.41
N LEU A 102 -21.38 6.78 19.01
CA LEU A 102 -22.26 7.12 20.11
C LEU A 102 -23.71 7.34 19.62
N GLU A 103 -24.69 7.12 20.53
CA GLU A 103 -26.15 7.23 20.31
C GLU A 103 -26.52 8.59 19.66
N ASP A 104 -25.84 9.66 20.08
CA ASP A 104 -26.03 11.05 19.63
C ASP A 104 -25.31 11.38 18.30
N GLY A 105 -24.83 10.36 17.58
CA GLY A 105 -24.16 10.52 16.29
C GLY A 105 -22.67 10.80 16.31
N SER A 106 -22.13 11.24 17.48
CA SER A 106 -20.71 11.55 17.69
C SER A 106 -19.86 10.27 17.67
N THR A 107 -18.55 10.42 17.43
CA THR A 107 -17.68 9.26 17.36
C THR A 107 -16.46 9.39 18.24
N THR A 108 -15.77 8.25 18.50
CA THR A 108 -14.48 8.17 19.22
C THR A 108 -13.58 7.13 18.52
N GLY A 109 -12.30 7.44 18.50
CA GLY A 109 -11.26 6.60 17.92
C GLY A 109 -10.09 6.46 18.85
N PHE A 110 -9.55 5.26 18.97
CA PHE A 110 -8.42 5.03 19.88
C PHE A 110 -7.46 4.00 19.36
N LEU A 111 -6.18 4.20 19.65
CA LEU A 111 -5.14 3.25 19.26
C LEU A 111 -4.08 3.24 20.36
N GLN A 112 -3.81 2.04 20.90
CA GLN A 112 -2.87 1.85 21.98
C GLN A 112 -2.03 0.60 21.85
N TYR A 113 -0.86 0.58 22.54
CA TYR A 113 0.05 -0.53 22.66
C TYR A 113 0.35 -0.78 24.10
N ALA A 114 0.58 -2.05 24.49
CA ALA A 114 0.96 -2.42 25.86
C ALA A 114 1.99 -3.53 25.91
N TYR A 115 3.09 -3.29 26.63
CA TYR A 115 4.18 -4.24 26.88
C TYR A 115 4.06 -4.71 28.31
N ASP A 116 3.86 -6.05 28.52
CA ASP A 116 3.66 -6.78 29.79
C ASP A 116 2.35 -6.35 30.47
N GLY A 117 1.33 -6.08 29.67
CA GLY A 117 0.01 -5.70 30.14
C GLY A 117 -0.09 -4.35 30.80
N GLN A 118 0.83 -3.44 30.49
CA GLN A 118 0.78 -2.10 31.03
C GLN A 118 1.02 -1.11 29.91
N ASP A 119 0.15 -0.06 29.80
CA ASP A 119 0.20 1.00 28.77
C ASP A 119 1.64 1.36 28.42
N PHE A 120 1.92 1.44 27.11
CA PHE A 120 3.27 1.67 26.57
C PHE A 120 3.26 2.85 25.58
N LEU A 121 2.38 2.82 24.58
CA LEU A 121 2.24 3.89 23.61
C LEU A 121 0.79 4.14 23.38
N ILE A 122 0.35 5.38 23.62
CA ILE A 122 -1.05 5.80 23.41
C ILE A 122 -1.03 6.84 22.29
N PHE A 123 -1.89 6.67 21.28
CA PHE A 123 -1.96 7.57 20.13
C PHE A 123 -3.02 8.65 20.33
N ASN A 124 -2.64 9.90 20.07
CA ASN A 124 -3.52 11.08 20.10
C ASN A 124 -3.80 11.45 18.65
N LYS A 125 -5.05 11.20 18.16
CA LYS A 125 -5.41 11.43 16.76
C LYS A 125 -5.67 12.92 16.42
N ASP A 126 -5.77 13.79 17.43
CA ASP A 126 -5.97 15.22 17.20
C ASP A 126 -4.63 15.93 17.07
N THR A 127 -3.62 15.53 17.85
CA THR A 127 -2.28 16.09 17.84
C THR A 127 -1.36 15.34 16.85
N LEU A 128 -1.75 14.12 16.44
CA LEU A 128 -0.99 13.22 15.54
C LEU A 128 0.38 13.00 16.14
N SER A 129 0.36 12.42 17.34
CA SER A 129 1.48 12.14 18.23
C SER A 129 1.26 10.85 18.99
N TRP A 130 2.32 10.34 19.58
CA TRP A 130 2.33 9.13 20.37
C TRP A 130 2.71 9.45 21.81
N LEU A 131 2.04 8.84 22.80
CA LEU A 131 2.36 9.09 24.19
C LEU A 131 3.12 7.90 24.79
N ALA A 132 4.44 8.10 24.98
CA ALA A 132 5.38 7.12 25.56
C ALA A 132 5.34 7.17 27.09
N VAL A 133 5.54 6.03 27.72
CA VAL A 133 5.47 5.93 29.18
C VAL A 133 6.87 6.02 29.82
N ASP A 134 7.94 5.70 29.06
CA ASP A 134 9.35 5.74 29.51
C ASP A 134 10.35 5.89 28.34
N ASN A 135 11.65 6.00 28.69
CA ASN A 135 12.81 6.17 27.81
C ASN A 135 12.91 5.12 26.69
N VAL A 136 12.32 3.91 26.86
CA VAL A 136 12.36 2.83 25.86
C VAL A 136 11.20 3.06 24.92
N ALA A 137 10.00 3.30 25.46
CA ALA A 137 8.81 3.61 24.66
C ALA A 137 9.05 4.85 23.81
N HIS A 138 9.76 5.83 24.39
CA HIS A 138 10.12 7.09 23.78
C HIS A 138 10.92 6.93 22.50
N THR A 139 11.88 6.00 22.46
CA THR A 139 12.68 5.82 21.25
C THR A 139 11.83 5.17 20.14
N ILE A 140 10.73 4.47 20.51
CA ILE A 140 9.81 3.92 19.50
C ILE A 140 8.96 5.09 18.96
N LYS A 141 8.41 5.93 19.89
CA LYS A 141 7.65 7.16 19.61
C LYS A 141 8.39 8.00 18.58
N GLN A 142 9.68 8.35 18.86
CA GLN A 142 10.56 9.15 17.99
C GLN A 142 10.56 8.63 16.56
N ALA A 143 10.60 7.31 16.40
CA ALA A 143 10.59 6.65 15.11
C ALA A 143 9.16 6.67 14.43
N TRP A 144 8.09 6.35 15.18
CA TRP A 144 6.74 6.33 14.63
C TRP A 144 6.24 7.73 14.26
N GLU A 145 6.65 8.76 15.02
CA GLU A 145 6.25 10.15 14.78
C GLU A 145 6.97 10.72 13.55
N ALA A 146 8.08 10.06 13.11
CA ALA A 146 8.87 10.49 11.95
C ALA A 146 8.04 10.42 10.66
N ASN A 147 7.42 9.26 10.39
CA ASN A 147 6.57 8.99 9.22
C ASN A 147 5.20 9.69 9.37
N GLN A 148 5.11 10.96 8.95
CA GLN A 148 3.90 11.75 9.11
C GLN A 148 2.72 11.20 8.31
N HIS A 149 3.01 10.57 7.17
CA HIS A 149 1.99 9.96 6.32
C HIS A 149 1.24 8.87 7.09
N GLU A 150 1.95 7.98 7.81
CA GLU A 150 1.32 6.90 8.57
C GLU A 150 0.39 7.48 9.64
N LEU A 151 0.83 8.55 10.34
CA LEU A 151 0.04 9.23 11.36
C LEU A 151 -1.30 9.76 10.75
N LEU A 152 -1.21 10.37 9.54
CA LEU A 152 -2.37 10.86 8.82
C LEU A 152 -3.30 9.71 8.42
N TYR A 153 -2.72 8.63 7.83
CA TYR A 153 -3.43 7.42 7.44
C TYR A 153 -4.27 6.87 8.62
N GLN A 154 -3.64 6.82 9.80
CA GLN A 154 -4.23 6.31 11.04
C GLN A 154 -5.45 7.13 11.49
N LYS A 155 -5.29 8.48 11.57
CA LYS A 155 -6.34 9.41 11.97
C LYS A 155 -7.55 9.15 11.13
N ASN A 156 -7.43 9.14 9.79
CA ASN A 156 -8.57 8.88 8.90
C ASN A 156 -9.10 7.44 9.11
N TRP A 157 -8.22 6.39 9.23
CA TRP A 157 -8.76 5.06 9.45
C TRP A 157 -9.70 5.07 10.63
N LEU A 158 -9.27 5.59 11.79
CA LEU A 158 -10.08 5.67 13.02
C LEU A 158 -11.35 6.57 12.87
N GLU A 159 -11.18 7.79 12.35
CA GLU A 159 -12.25 8.76 12.20
C GLU A 159 -13.33 8.39 11.21
N GLU A 160 -12.97 7.75 10.07
CA GLU A 160 -13.98 7.49 9.03
C GLU A 160 -14.16 6.01 8.70
N GLU A 161 -13.05 5.34 8.32
CA GLU A 161 -13.05 3.94 7.88
C GLU A 161 -13.51 2.95 8.94
N CYS A 162 -13.10 3.18 10.17
CA CYS A 162 -13.45 2.29 11.25
C CYS A 162 -14.96 2.31 11.46
N ILE A 163 -15.57 3.52 11.52
CA ILE A 163 -17.02 3.73 11.71
C ILE A 163 -17.78 3.13 10.53
N ALA A 164 -17.20 3.26 9.32
CA ALA A 164 -17.75 2.68 8.10
C ALA A 164 -18.00 1.20 8.31
N TRP A 165 -16.95 0.47 8.71
CA TRP A 165 -16.96 -0.95 8.98
C TRP A 165 -17.92 -1.33 10.07
N LEU A 166 -17.95 -0.56 11.18
CA LEU A 166 -18.81 -0.80 12.35
C LEU A 166 -20.29 -0.77 11.98
N LYS A 167 -20.70 0.29 11.28
CA LYS A 167 -22.07 0.50 10.81
C LYS A 167 -22.50 -0.64 9.90
N ARG A 168 -21.59 -1.14 9.06
CA ARG A 168 -21.80 -2.23 8.13
C ARG A 168 -22.14 -3.52 8.87
N PHE A 169 -21.31 -3.84 9.88
CA PHE A 169 -21.45 -5.02 10.74
C PHE A 169 -22.73 -4.98 11.51
N LEU A 170 -23.17 -3.78 11.95
CA LEU A 170 -24.42 -3.61 12.68
C LEU A 170 -25.60 -4.00 11.82
N GLU A 171 -25.49 -3.84 10.49
CA GLU A 171 -26.56 -4.25 9.59
C GLU A 171 -26.48 -5.74 9.34
N TYR A 172 -25.27 -6.29 9.23
CA TYR A 172 -25.02 -7.72 9.00
C TYR A 172 -25.53 -8.56 10.18
N GLY A 173 -25.48 -8.03 11.39
CA GLY A 173 -25.94 -8.73 12.60
C GLY A 173 -26.88 -7.91 13.46
N LYS A 174 -27.86 -7.23 12.82
CA LYS A 174 -28.86 -6.37 13.49
C LYS A 174 -29.81 -7.19 14.36
N ASP A 175 -29.99 -8.47 14.04
CA ASP A 175 -30.89 -9.32 14.79
C ASP A 175 -30.27 -9.71 16.14
N THR A 176 -28.93 -9.67 16.26
CA THR A 176 -28.20 -9.99 17.49
C THR A 176 -27.73 -8.74 18.24
N LEU A 177 -27.11 -7.78 17.52
CA LEU A 177 -26.53 -6.58 18.13
C LEU A 177 -27.57 -5.51 18.44
N GLN A 178 -28.57 -5.33 17.57
CA GLN A 178 -29.59 -4.27 17.71
C GLN A 178 -30.86 -4.78 18.46
N ARG A 179 -30.82 -6.01 19.02
CA ARG A 179 -31.96 -6.54 19.76
C ARG A 179 -31.97 -5.95 21.18
N THR A 180 -33.08 -6.13 21.88
CA THR A 180 -33.26 -5.70 23.26
C THR A 180 -34.01 -6.82 23.95
N GLU A 181 -33.38 -7.44 24.98
CA GLU A 181 -34.04 -8.49 25.75
C GLU A 181 -34.14 -7.97 27.20
N PRO A 182 -35.32 -7.44 27.59
CA PRO A 182 -35.44 -6.76 28.89
C PRO A 182 -35.23 -7.67 30.09
N PRO A 183 -34.69 -7.10 31.20
CA PRO A 183 -34.41 -7.91 32.39
C PRO A 183 -35.62 -8.42 33.18
N LEU A 184 -35.39 -9.53 33.89
CA LEU A 184 -36.30 -10.14 34.83
C LEU A 184 -35.77 -9.75 36.22
N VAL A 185 -36.42 -8.74 36.84
CA VAL A 185 -35.99 -8.19 38.13
C VAL A 185 -36.82 -8.82 39.29
N ARG A 186 -36.15 -9.27 40.37
CA ARG A 186 -36.74 -9.92 41.55
C ARG A 186 -36.07 -9.46 42.83
N VAL A 187 -36.86 -9.19 43.86
CA VAL A 187 -36.35 -8.74 45.16
C VAL A 187 -36.60 -9.83 46.21
N ASN A 188 -35.53 -10.26 46.89
CA ASN A 188 -35.63 -11.26 47.93
C ASN A 188 -34.77 -10.86 49.12
N ARG A 189 -35.35 -11.03 50.32
CA ARG A 189 -34.77 -10.71 51.62
C ARG A 189 -33.96 -11.91 52.13
N LYS A 190 -32.67 -11.73 52.45
CA LYS A 190 -31.83 -12.82 52.93
C LYS A 190 -30.73 -12.33 53.91
N GLU A 191 -30.84 -12.75 55.22
CA GLU A 191 -29.96 -12.41 56.35
C GLU A 191 -28.45 -12.65 56.06
N THR A 192 -27.71 -11.57 55.64
CA THR A 192 -26.27 -11.58 55.26
C THR A 192 -25.30 -11.99 56.41
N PHE A 193 -25.79 -11.98 57.67
CA PHE A 193 -25.08 -12.36 58.90
C PHE A 193 -26.13 -12.63 60.02
N PRO A 194 -25.78 -13.06 61.26
CA PRO A 194 -26.83 -13.31 62.27
C PRO A 194 -27.57 -12.04 62.71
N GLY A 195 -28.90 -12.10 62.71
CA GLY A 195 -29.76 -10.99 63.11
C GLY A 195 -30.06 -9.99 62.00
N VAL A 196 -28.99 -9.41 61.39
CA VAL A 196 -29.05 -8.42 60.32
C VAL A 196 -29.80 -8.99 59.09
N THR A 197 -30.45 -8.12 58.29
CA THR A 197 -31.23 -8.54 57.12
C THR A 197 -31.05 -7.53 55.94
N ALA A 198 -30.63 -8.06 54.78
CA ALA A 198 -30.37 -7.33 53.54
C ALA A 198 -31.41 -7.63 52.45
N LEU A 199 -31.54 -6.73 51.45
CA LEU A 199 -32.46 -6.89 50.33
C LEU A 199 -31.70 -6.97 49.02
N PHE A 200 -31.84 -8.08 48.31
CA PHE A 200 -31.14 -8.28 47.04
C PHE A 200 -32.05 -8.02 45.88
N CYS A 201 -31.54 -7.25 44.92
CA CYS A 201 -32.23 -6.88 43.70
C CYS A 201 -31.62 -7.64 42.53
N LYS A 202 -31.81 -8.98 42.50
CA LYS A 202 -31.28 -9.86 41.45
C LYS A 202 -32.02 -9.62 40.10
N ALA A 203 -31.26 -9.38 38.99
CA ALA A 203 -31.75 -9.14 37.63
C ALA A 203 -31.07 -10.09 36.63
N HIS A 204 -31.82 -10.73 35.73
CA HIS A 204 -31.19 -11.66 34.78
C HIS A 204 -31.94 -11.78 33.44
N GLY A 205 -31.29 -12.43 32.47
CA GLY A 205 -31.80 -12.66 31.13
C GLY A 205 -31.92 -11.41 30.25
N PHE A 206 -31.08 -10.39 30.51
CA PHE A 206 -31.10 -9.12 29.78
C PHE A 206 -29.98 -8.99 28.74
N TYR A 207 -30.23 -8.20 27.71
CA TYR A 207 -29.32 -7.81 26.62
C TYR A 207 -29.74 -6.43 26.11
N PRO A 208 -28.80 -5.48 25.84
CA PRO A 208 -27.33 -5.48 26.01
C PRO A 208 -26.84 -5.70 27.45
N PRO A 209 -25.55 -6.02 27.67
CA PRO A 209 -25.07 -6.24 29.05
C PRO A 209 -24.99 -4.95 29.87
N GLU A 210 -25.26 -3.80 29.27
CA GLU A 210 -25.19 -2.56 30.01
C GLU A 210 -26.50 -2.38 30.79
N ILE A 211 -26.38 -2.38 32.11
CA ILE A 211 -27.51 -2.24 33.02
C ILE A 211 -27.13 -1.31 34.19
N TYR A 212 -28.15 -0.78 34.89
CA TYR A 212 -27.92 0.06 36.05
C TYR A 212 -28.94 -0.22 37.18
N MET A 213 -28.44 -0.84 38.25
CA MET A 213 -29.16 -1.14 39.48
C MET A 213 -28.78 -0.12 40.54
N THR A 214 -29.64 0.09 41.55
CA THR A 214 -29.43 1.03 42.69
C THR A 214 -30.62 0.95 43.67
N TRP A 215 -30.40 1.29 44.95
CA TRP A 215 -31.46 1.30 45.96
C TRP A 215 -31.82 2.74 46.37
N MET A 216 -33.04 2.95 46.90
CA MET A 216 -33.53 4.28 47.33
C MET A 216 -34.13 4.24 48.71
N LYS A 217 -34.03 5.35 49.46
CA LYS A 217 -34.62 5.46 50.80
C LYS A 217 -35.64 6.58 50.77
N ASN A 218 -36.90 6.22 50.45
CA ASN A 218 -38.03 7.14 50.30
C ASN A 218 -37.82 8.14 49.12
N GLY A 219 -36.74 7.95 48.35
CA GLY A 219 -36.38 8.80 47.22
C GLY A 219 -34.90 9.13 47.12
N GLU A 220 -34.20 9.17 48.28
CA GLU A 220 -32.76 9.47 48.37
C GLU A 220 -31.92 8.25 47.99
N GLU A 221 -30.83 8.43 47.19
CA GLU A 221 -29.93 7.32 46.80
C GLU A 221 -29.11 6.83 48.01
N ILE A 222 -29.17 5.50 48.31
CA ILE A 222 -28.45 4.87 49.44
C ILE A 222 -26.97 4.61 49.06
N GLU A 225 -22.72 2.64 50.57
CA GLU A 225 -23.68 1.91 51.39
C GLU A 225 -24.32 0.72 50.63
N ILE A 226 -24.25 0.74 49.27
CA ILE A 226 -24.80 -0.32 48.38
C ILE A 226 -23.70 -1.31 47.95
N ASP A 227 -23.99 -2.61 48.15
CA ASP A 227 -23.18 -3.77 47.77
C ASP A 227 -23.61 -4.18 46.35
N TYR A 228 -22.67 -4.58 45.50
CA TYR A 228 -23.03 -4.91 44.12
C TYR A 228 -22.53 -6.27 43.66
N GLY A 229 -23.14 -6.72 42.57
CA GLY A 229 -22.78 -7.92 41.83
C GLY A 229 -22.41 -7.52 40.42
N ASP A 230 -21.31 -8.05 39.92
CA ASP A 230 -20.83 -7.73 38.57
C ASP A 230 -21.79 -8.24 37.50
N ILE A 231 -21.78 -7.57 36.32
CA ILE A 231 -22.56 -8.03 35.16
C ILE A 231 -21.86 -9.29 34.68
N LEU A 232 -22.57 -10.40 34.62
CA LEU A 232 -21.95 -11.67 34.26
C LEU A 232 -22.69 -12.35 33.11
N PRO A 233 -21.97 -13.04 32.19
CA PRO A 233 -22.67 -13.75 31.10
C PRO A 233 -23.32 -15.02 31.60
N SER A 234 -24.58 -15.25 31.25
CA SER A 234 -25.33 -16.43 31.69
C SER A 234 -24.96 -17.67 30.82
N GLY A 235 -24.53 -17.42 29.58
CA GLY A 235 -24.13 -18.46 28.65
C GLY A 235 -25.09 -18.63 27.50
N ASP A 236 -26.25 -17.96 27.58
CA ASP A 236 -27.30 -18.03 26.56
C ASP A 236 -27.28 -16.76 25.69
N GLY A 237 -26.25 -15.95 25.84
CA GLY A 237 -26.10 -14.71 25.08
C GLY A 237 -26.67 -13.50 25.77
N THR A 238 -27.33 -13.76 26.92
CA THR A 238 -27.95 -12.80 27.82
C THR A 238 -27.08 -12.70 29.05
N TYR A 239 -27.20 -11.57 29.79
CA TYR A 239 -26.38 -11.29 30.96
C TYR A 239 -27.21 -11.30 32.23
N GLN A 240 -26.54 -11.22 33.40
CA GLN A 240 -27.17 -11.20 34.72
C GLN A 240 -26.38 -10.28 35.67
N ALA A 241 -27.05 -9.70 36.71
CA ALA A 241 -26.46 -8.79 37.72
C ALA A 241 -27.36 -8.62 38.97
N TRP A 242 -26.87 -7.92 40.02
CA TRP A 242 -27.59 -7.71 41.30
C TRP A 242 -26.98 -6.58 42.12
N ALA A 243 -27.74 -6.06 43.10
CA ALA A 243 -27.29 -5.01 44.02
C ALA A 243 -28.02 -5.16 45.35
N SER A 244 -27.39 -4.78 46.49
CA SER A 244 -28.01 -4.95 47.81
C SER A 244 -27.65 -3.91 48.87
N ILE A 245 -28.55 -3.75 49.84
CA ILE A 245 -28.45 -2.85 50.98
C ILE A 245 -28.95 -3.56 52.23
N GLU A 246 -28.47 -3.16 53.44
CA GLU A 246 -28.90 -3.75 54.72
C GLU A 246 -29.91 -2.85 55.41
N SER A 252 -37.27 0.77 59.64
CA SER A 252 -38.35 1.74 59.84
C SER A 252 -38.61 2.57 58.57
N ASN A 253 -37.61 2.63 57.66
CA ASN A 253 -37.67 3.36 56.39
C ASN A 253 -38.18 2.47 55.24
N LEU A 254 -38.84 3.07 54.21
CA LEU A 254 -39.36 2.34 53.04
C LEU A 254 -38.41 2.50 51.83
N TYR A 255 -37.81 1.36 51.42
CA TYR A 255 -36.81 1.24 50.35
C TYR A 255 -37.42 0.74 49.03
N SER A 256 -36.73 1.06 47.91
CA SER A 256 -37.14 0.67 46.55
C SER A 256 -35.94 0.45 45.65
N CYS A 257 -36.02 -0.56 44.78
CA CYS A 257 -34.98 -0.86 43.82
C CYS A 257 -35.29 -0.21 42.45
N HIS A 258 -34.76 1.03 42.21
CA HIS A 258 -34.86 1.86 40.97
C HIS A 258 -33.82 1.14 40.00
N VAL A 259 -34.24 0.67 38.77
CA VAL A 259 -33.41 -0.04 37.75
C VAL A 259 -33.59 0.59 36.34
N GLU A 260 -32.47 0.80 35.61
CA GLU A 260 -32.49 1.37 34.26
C GLU A 260 -31.73 0.43 33.31
N HIS A 261 -32.36 0.05 32.15
CA HIS A 261 -31.73 -0.79 31.12
C HIS A 261 -32.31 -0.48 29.77
N SER A 262 -31.42 -0.16 28.83
CA SER A 262 -31.67 0.07 27.42
C SER A 262 -32.90 0.99 27.16
N GLY A 263 -32.95 2.10 27.88
CA GLY A 263 -33.97 3.12 27.69
C GLY A 263 -35.09 3.10 28.71
N VAL A 264 -35.61 1.92 29.00
CA VAL A 264 -36.69 1.80 29.94
C VAL A 264 -36.13 1.81 31.38
N HIS A 265 -36.87 2.47 32.26
CA HIS A 265 -36.50 2.60 33.65
C HIS A 265 -37.64 2.07 34.52
N MET A 266 -37.28 1.18 35.44
CA MET A 266 -38.17 0.48 36.37
C MET A 266 -38.05 0.90 37.81
N VAL A 267 -39.14 0.79 38.55
CA VAL A 267 -39.17 1.01 39.99
C VAL A 267 -39.81 -0.23 40.61
N LEU A 268 -39.20 -0.78 41.66
CA LEU A 268 -39.67 -1.97 42.34
C LEU A 268 -39.74 -1.68 43.83
N GLN A 269 -40.83 -1.03 44.26
CA GLN A 269 -41.04 -0.69 45.66
C GLN A 269 -41.31 -1.97 46.45
N VAL A 270 -40.57 -2.18 47.57
CA VAL A 270 -40.71 -3.38 48.38
C VAL A 270 -41.34 -3.06 49.77
N ILE B 1 4.41 -6.41 35.87
CA ILE B 1 3.06 -6.61 36.45
C ILE B 1 2.35 -7.89 35.90
N GLN B 2 1.75 -8.67 36.82
CA GLN B 2 0.97 -9.89 36.56
C GLN B 2 -0.33 -9.81 37.34
N ARG B 3 -1.48 -9.96 36.67
CA ARG B 3 -2.80 -9.84 37.31
C ARG B 3 -3.37 -11.20 37.66
N THR B 4 -3.84 -11.36 38.91
CA THR B 4 -4.40 -12.63 39.39
C THR B 4 -5.88 -12.79 38.92
N PRO B 5 -6.38 -14.01 38.61
CA PRO B 5 -7.76 -14.12 38.11
C PRO B 5 -8.80 -13.88 39.17
N LYS B 6 -10.02 -13.49 38.74
CA LYS B 6 -11.20 -13.29 39.57
C LYS B 6 -12.11 -14.44 39.24
N ILE B 7 -12.36 -15.29 40.23
CA ILE B 7 -13.18 -16.47 40.00
C ILE B 7 -14.58 -16.25 40.60
N GLN B 8 -15.60 -16.33 39.71
CA GLN B 8 -17.04 -16.17 39.98
C GLN B 8 -17.80 -17.41 39.51
N VAL B 9 -18.21 -18.30 40.43
CA VAL B 9 -18.92 -19.51 40.01
C VAL B 9 -20.38 -19.36 40.40
N TYR B 10 -21.29 -19.54 39.40
CA TYR B 10 -22.73 -19.33 39.53
C TYR B 10 -23.56 -20.06 38.47
N SER B 11 -24.87 -20.21 38.75
CA SER B 11 -25.84 -20.81 37.84
C SER B 11 -26.37 -19.78 36.82
N ARG B 12 -26.86 -20.24 35.61
CA ARG B 12 -27.41 -19.42 34.51
C ARG B 12 -28.73 -18.68 34.95
N HIS B 13 -29.86 -19.40 34.95
CA HIS B 13 -31.16 -18.92 35.41
C HIS B 13 -31.19 -19.32 36.94
N PRO B 14 -31.96 -18.65 37.86
CA PRO B 14 -31.91 -19.01 39.29
C PRO B 14 -32.26 -20.47 39.61
N ALA B 15 -31.26 -21.15 40.19
CA ALA B 15 -31.29 -22.55 40.57
C ALA B 15 -32.40 -22.90 41.57
N GLU B 16 -32.89 -24.14 41.45
CA GLU B 16 -33.89 -24.82 42.29
C GLU B 16 -33.66 -26.30 42.06
N ASN B 17 -33.41 -27.08 43.14
CA ASN B 17 -33.15 -28.52 43.06
C ASN B 17 -34.24 -29.23 42.25
N GLY B 18 -33.84 -29.87 41.15
CA GLY B 18 -34.76 -30.59 40.28
C GLY B 18 -34.70 -30.21 38.81
N LYS B 19 -34.90 -28.91 38.52
CA LYS B 19 -34.87 -28.36 37.16
C LYS B 19 -33.45 -28.34 36.59
N SER B 20 -33.32 -28.47 35.26
CA SER B 20 -32.04 -28.45 34.55
C SER B 20 -31.54 -27.01 34.37
N ASN B 21 -30.29 -26.77 34.80
CA ASN B 21 -29.63 -25.46 34.74
C ASN B 21 -28.22 -25.57 34.17
N PHE B 22 -27.50 -24.43 34.13
CA PHE B 22 -26.14 -24.37 33.64
C PHE B 22 -25.21 -23.79 34.69
N LEU B 23 -24.07 -24.46 34.92
CA LEU B 23 -23.12 -23.97 35.90
C LEU B 23 -21.99 -23.21 35.21
N ASN B 24 -21.90 -21.91 35.46
CA ASN B 24 -20.86 -21.10 34.84
C ASN B 24 -19.76 -20.76 35.83
N CYS B 25 -18.54 -20.70 35.31
CA CYS B 25 -17.39 -20.22 36.03
C CYS B 25 -16.75 -19.17 35.15
N TYR B 26 -16.72 -17.93 35.64
CA TYR B 26 -16.22 -16.79 34.88
C TYR B 26 -14.91 -16.26 35.48
N VAL B 27 -13.79 -16.69 34.88
CA VAL B 27 -12.44 -16.28 35.25
C VAL B 27 -12.10 -15.05 34.43
N SER B 28 -11.80 -13.95 35.13
CA SER B 28 -11.58 -12.67 34.49
C SER B 28 -10.49 -11.83 35.17
N GLY B 29 -10.11 -10.75 34.48
CA GLY B 29 -9.13 -9.76 34.94
C GLY B 29 -7.77 -10.32 35.27
N PHE B 30 -7.35 -11.37 34.54
CA PHE B 30 -6.07 -12.03 34.75
C PHE B 30 -5.09 -11.68 33.65
N HIS B 31 -3.79 -11.68 33.98
CA HIS B 31 -2.72 -11.42 33.03
C HIS B 31 -1.43 -12.12 33.49
N PRO B 32 -0.75 -12.96 32.65
CA PRO B 32 -0.97 -13.26 31.22
C PRO B 32 -2.12 -14.20 30.89
N SER B 33 -2.17 -14.60 29.59
CA SER B 33 -3.19 -15.41 28.95
C SER B 33 -3.20 -16.91 29.37
N ASP B 34 -2.04 -17.56 29.54
CA ASP B 34 -2.03 -18.99 29.88
C ASP B 34 -2.76 -19.24 31.21
N ILE B 35 -3.87 -20.01 31.12
CA ILE B 35 -4.73 -20.37 32.25
C ILE B 35 -5.35 -21.75 31.99
N GLU B 36 -5.43 -22.54 33.04
CA GLU B 36 -5.99 -23.89 33.04
C GLU B 36 -7.12 -23.86 34.04
N VAL B 37 -8.29 -24.33 33.63
CA VAL B 37 -9.43 -24.32 34.54
C VAL B 37 -10.30 -25.56 34.27
N ASP B 38 -10.90 -26.11 35.35
CA ASP B 38 -11.79 -27.28 35.35
C ASP B 38 -12.91 -27.10 36.41
N LEU B 39 -14.06 -27.78 36.21
CA LEU B 39 -15.19 -27.72 37.16
C LEU B 39 -15.28 -29.04 37.94
N LEU B 40 -15.79 -28.98 39.18
CA LEU B 40 -15.80 -30.17 40.03
C LEU B 40 -17.15 -30.51 40.64
N LYS B 41 -17.44 -31.83 40.75
CA LYS B 41 -18.62 -32.42 41.37
C LYS B 41 -18.11 -33.26 42.53
N ASN B 42 -17.85 -32.57 43.65
CA ASN B 42 -17.31 -33.08 44.92
C ASN B 42 -15.84 -33.52 44.71
N GLY B 43 -15.11 -32.75 43.90
CA GLY B 43 -13.71 -32.97 43.56
C GLY B 43 -13.46 -33.85 42.35
N GLU B 44 -14.44 -33.94 41.42
CA GLU B 44 -14.34 -34.73 40.19
C GLU B 44 -14.40 -33.83 38.94
N ARG B 45 -13.42 -33.98 38.02
CA ARG B 45 -13.37 -33.19 36.78
C ARG B 45 -14.51 -33.62 35.84
N ILE B 46 -15.45 -32.68 35.53
CA ILE B 46 -16.57 -32.92 34.62
C ILE B 46 -15.98 -33.15 33.22
N GLU B 47 -16.22 -34.34 32.63
CA GLU B 47 -15.70 -34.75 31.32
C GLU B 47 -16.18 -33.84 30.18
N LYS B 48 -17.50 -33.76 29.93
CA LYS B 48 -18.07 -32.90 28.89
C LYS B 48 -18.39 -31.51 29.46
N VAL B 49 -17.51 -30.51 29.18
CA VAL B 49 -17.67 -29.15 29.68
C VAL B 49 -17.24 -28.14 28.61
N GLU B 50 -18.23 -27.52 27.94
CA GLU B 50 -17.97 -26.52 26.88
C GLU B 50 -17.43 -25.21 27.47
N HIS B 51 -16.73 -24.42 26.66
CA HIS B 51 -16.20 -23.14 27.12
C HIS B 51 -16.02 -22.13 26.00
N SER B 52 -16.07 -20.85 26.38
CA SER B 52 -15.83 -19.73 25.49
C SER B 52 -14.33 -19.69 25.14
N ASP B 53 -13.98 -18.96 24.09
CA ASP B 53 -12.58 -18.80 23.69
C ASP B 53 -11.97 -17.72 24.58
N LEU B 54 -10.61 -17.58 24.56
CA LEU B 54 -9.93 -16.53 25.31
C LEU B 54 -10.45 -15.20 24.82
N SER B 55 -11.00 -14.40 25.73
CA SER B 55 -11.50 -13.11 25.35
C SER B 55 -10.61 -12.02 25.91
N PHE B 56 -10.58 -10.86 25.22
CA PHE B 56 -9.72 -9.70 25.46
C PHE B 56 -10.47 -8.49 26.00
N SER B 57 -10.10 -8.02 27.20
CA SER B 57 -10.70 -6.83 27.76
C SER B 57 -9.80 -5.60 27.55
N LYS B 58 -10.43 -4.40 27.47
CA LYS B 58 -9.84 -3.07 27.24
C LYS B 58 -8.74 -2.69 28.27
N ASP B 59 -8.86 -3.15 29.54
CA ASP B 59 -7.89 -2.87 30.62
C ASP B 59 -6.56 -3.63 30.44
N TRP B 60 -6.43 -4.36 29.31
CA TRP B 60 -5.32 -5.20 28.85
C TRP B 60 -5.40 -6.63 29.36
N SER B 61 -6.13 -6.89 30.48
CA SER B 61 -6.28 -8.24 31.05
C SER B 61 -7.19 -9.14 30.15
N PHE B 62 -7.31 -10.45 30.44
CA PHE B 62 -8.17 -11.37 29.66
C PHE B 62 -9.31 -11.99 30.48
N TYR B 63 -10.24 -12.72 29.82
CA TYR B 63 -11.37 -13.36 30.48
C TYR B 63 -11.89 -14.60 29.72
N LEU B 64 -12.38 -15.57 30.48
CA LEU B 64 -12.95 -16.78 29.93
C LEU B 64 -14.18 -17.18 30.68
N LEU B 65 -15.03 -18.01 30.04
CA LEU B 65 -16.22 -18.56 30.65
C LEU B 65 -16.30 -20.07 30.38
N TYR B 66 -16.31 -20.86 31.46
CA TYR B 66 -16.42 -22.30 31.41
C TYR B 66 -17.77 -22.65 31.94
N TYR B 67 -18.55 -23.38 31.14
CA TYR B 67 -19.91 -23.72 31.55
C TYR B 67 -20.23 -25.19 31.32
N THR B 68 -21.20 -25.72 32.08
CA THR B 68 -21.66 -27.09 31.96
C THR B 68 -23.15 -27.20 32.22
N GLU B 69 -23.80 -28.17 31.56
CA GLU B 69 -25.20 -28.47 31.80
C GLU B 69 -25.23 -29.34 33.06
N PHE B 70 -26.14 -29.00 34.00
CA PHE B 70 -26.28 -29.75 35.25
C PHE B 70 -27.68 -29.59 35.89
N THR B 71 -28.01 -30.49 36.81
CA THR B 71 -29.27 -30.43 37.57
C THR B 71 -28.86 -30.36 39.06
N PRO B 72 -29.19 -29.25 39.78
CA PRO B 72 -28.77 -29.14 41.19
C PRO B 72 -29.37 -30.20 42.12
N THR B 73 -28.62 -30.55 43.17
CA THR B 73 -28.97 -31.52 44.22
C THR B 73 -28.57 -30.89 45.57
N GLU B 74 -29.47 -30.97 46.58
CA GLU B 74 -29.25 -30.44 47.94
C GLU B 74 -28.00 -31.03 48.62
N LYS B 75 -27.55 -32.24 48.20
CA LYS B 75 -26.39 -32.96 48.74
C LYS B 75 -25.07 -32.68 47.99
N ASP B 76 -25.12 -32.55 46.64
CA ASP B 76 -23.95 -32.36 45.79
C ASP B 76 -23.37 -30.95 45.88
N GLU B 77 -22.02 -30.89 46.00
CA GLU B 77 -21.22 -29.66 46.09
C GLU B 77 -20.51 -29.40 44.76
N TYR B 78 -20.54 -28.15 44.27
CA TYR B 78 -19.91 -27.81 42.98
C TYR B 78 -18.83 -26.73 43.14
N ALA B 79 -17.69 -26.91 42.46
CA ALA B 79 -16.58 -25.98 42.54
C ALA B 79 -15.85 -25.79 41.21
N CYS B 80 -14.99 -24.76 41.16
CA CYS B 80 -14.21 -24.34 40.01
C CYS B 80 -12.71 -24.32 40.36
N ARG B 81 -11.90 -25.10 39.63
CA ARG B 81 -10.46 -25.23 39.89
C ARG B 81 -9.64 -24.51 38.83
N VAL B 82 -9.05 -23.37 39.22
CA VAL B 82 -8.25 -22.51 38.36
C VAL B 82 -6.78 -22.55 38.75
N ASN B 83 -5.90 -22.68 37.75
CA ASN B 83 -4.45 -22.64 37.95
C ASN B 83 -3.86 -21.65 36.94
N HIS B 84 -3.14 -20.64 37.46
CA HIS B 84 -2.50 -19.54 36.75
C HIS B 84 -1.18 -19.20 37.45
N VAL B 85 -0.26 -18.50 36.76
CA VAL B 85 1.07 -18.08 37.23
C VAL B 85 1.02 -17.50 38.66
N THR B 86 0.08 -16.58 38.90
CA THR B 86 -0.13 -15.86 40.15
C THR B 86 -0.59 -16.78 41.30
N LEU B 87 -1.25 -17.89 40.96
CA LEU B 87 -1.70 -18.84 41.97
C LEU B 87 -0.61 -19.88 42.20
N SER B 88 0.13 -19.70 43.31
CA SER B 88 1.23 -20.59 43.72
C SER B 88 0.70 -22.02 44.03
N GLN B 89 -0.50 -22.10 44.65
CA GLN B 89 -1.28 -23.31 44.90
C GLN B 89 -2.59 -23.12 44.08
N PRO B 90 -3.11 -24.18 43.40
CA PRO B 90 -4.33 -24.00 42.57
C PRO B 90 -5.60 -23.66 43.38
N LYS B 91 -6.27 -22.54 42.99
CA LYS B 91 -7.46 -22.00 43.67
C LYS B 91 -8.74 -22.73 43.29
N ILE B 92 -9.53 -23.08 44.32
CA ILE B 92 -10.81 -23.81 44.23
C ILE B 92 -11.93 -22.90 44.75
N VAL B 93 -12.86 -22.51 43.88
CA VAL B 93 -13.96 -21.66 44.33
C VAL B 93 -15.24 -22.48 44.29
N LYS B 94 -15.82 -22.73 45.47
CA LYS B 94 -17.05 -23.51 45.61
C LYS B 94 -18.27 -22.64 45.29
N TRP B 95 -19.30 -23.24 44.66
CA TRP B 95 -20.54 -22.56 44.29
C TRP B 95 -21.46 -22.40 45.51
N ASP B 96 -21.80 -21.12 45.88
CA ASP B 96 -22.69 -20.78 46.99
C ASP B 96 -24.12 -20.64 46.48
N ARG B 97 -24.95 -21.70 46.68
CA ARG B 97 -26.34 -21.78 46.24
C ARG B 97 -27.24 -20.79 47.00
N GLN C 2 -16.71 -0.51 -8.32
CA GLN C 2 -15.55 0.18 -7.73
C GLN C 2 -14.46 0.48 -8.81
N ASN C 3 -14.36 1.78 -9.24
CA ASN C 3 -13.35 2.18 -10.25
C ASN C 3 -12.84 3.62 -10.08
N ILE C 4 -11.71 3.92 -10.76
CA ILE C 4 -10.97 5.19 -10.77
C ILE C 4 -10.89 5.70 -12.20
N ASP C 5 -10.92 7.04 -12.38
CA ASP C 5 -10.88 7.65 -13.71
C ASP C 5 -10.02 8.93 -13.70
N GLN C 6 -9.23 9.12 -14.76
CA GLN C 6 -8.36 10.26 -15.00
C GLN C 6 -8.18 10.45 -16.55
N PRO C 7 -7.93 11.70 -17.10
CA PRO C 7 -7.81 11.86 -18.56
C PRO C 7 -6.70 11.01 -19.18
N THR C 8 -6.83 10.66 -20.45
CA THR C 8 -5.85 9.83 -21.15
C THR C 8 -4.59 10.61 -21.42
N GLU C 9 -4.75 11.83 -21.90
CA GLU C 9 -3.66 12.69 -22.29
C GLU C 9 -3.99 14.12 -22.02
N MET C 10 -2.97 14.93 -21.79
CA MET C 10 -3.17 16.35 -21.57
C MET C 10 -2.04 17.13 -22.21
N THR C 11 -2.38 18.22 -22.89
CA THR C 11 -1.35 19.05 -23.51
C THR C 11 -1.48 20.47 -22.96
N ALA C 12 -0.36 21.06 -22.57
CA ALA C 12 -0.29 22.41 -22.02
C ALA C 12 1.03 23.13 -22.37
N THR C 13 0.98 24.47 -22.47
CA THR C 13 2.15 25.27 -22.76
C THR C 13 3.04 25.37 -21.52
N GLU C 14 4.34 25.38 -21.78
CA GLU C 14 5.38 25.53 -20.78
C GLU C 14 5.21 26.88 -20.06
N GLY C 15 5.23 26.82 -18.74
CA GLY C 15 5.12 27.99 -17.89
C GLY C 15 3.78 28.25 -17.23
N ALA C 16 2.75 27.41 -17.50
CA ALA C 16 1.43 27.61 -16.91
C ALA C 16 0.98 26.44 -16.01
N ILE C 17 0.07 26.74 -15.05
CA ILE C 17 -0.55 25.78 -14.12
C ILE C 17 -1.36 24.72 -14.91
N VAL C 18 -1.30 23.42 -14.49
CA VAL C 18 -1.99 22.27 -15.14
C VAL C 18 -2.62 21.43 -14.05
N GLN C 19 -3.94 21.16 -14.16
CA GLN C 19 -4.67 20.38 -13.17
C GLN C 19 -5.03 18.99 -13.70
N ILE C 20 -4.40 17.95 -13.16
CA ILE C 20 -4.73 16.58 -13.57
C ILE C 20 -5.77 16.05 -12.56
N ASN C 21 -7.04 16.00 -12.95
CA ASN C 21 -8.10 15.53 -12.07
C ASN C 21 -8.17 14.02 -12.06
N CYS C 22 -8.43 13.45 -10.88
CA CYS C 22 -8.58 12.02 -10.66
C CYS C 22 -9.80 11.81 -9.85
N THR C 23 -10.75 11.01 -10.36
CA THR C 23 -12.00 10.78 -9.63
C THR C 23 -12.23 9.31 -9.45
N TYR C 24 -12.53 8.92 -8.23
CA TYR C 24 -12.78 7.53 -7.84
C TYR C 24 -14.19 7.38 -7.24
N GLN C 25 -14.52 6.14 -6.91
CA GLN C 25 -15.74 5.68 -6.27
C GLN C 25 -15.40 4.33 -5.73
N THR C 26 -15.66 4.12 -4.45
CA THR C 26 -15.29 2.92 -3.72
C THR C 26 -16.08 2.81 -2.42
N SER C 27 -16.21 1.58 -1.91
CA SER C 27 -16.86 1.29 -0.64
C SER C 27 -15.96 1.76 0.52
N GLY C 28 -14.65 1.58 0.37
CA GLY C 28 -13.67 1.99 1.36
C GLY C 28 -12.53 2.77 0.76
N PHE C 29 -11.89 3.64 1.56
CA PHE C 29 -10.78 4.47 1.10
C PHE C 29 -9.76 4.70 2.22
N ASN C 30 -8.49 4.41 1.96
CA ASN C 30 -7.41 4.57 2.94
C ASN C 30 -6.23 5.46 2.38
N GLY C 31 -6.56 6.43 1.55
CA GLY C 31 -5.56 7.33 0.98
C GLY C 31 -5.46 7.25 -0.53
N LEU C 32 -4.91 8.31 -1.13
CA LEU C 32 -4.72 8.41 -2.57
C LEU C 32 -3.28 8.82 -2.89
N PHE C 33 -2.65 8.07 -3.82
CA PHE C 33 -1.29 8.30 -4.28
C PHE C 33 -1.21 8.90 -5.66
N TRP C 34 -0.24 9.79 -5.85
CA TRP C 34 0.12 10.34 -7.14
C TRP C 34 1.56 9.91 -7.38
N TYR C 35 1.77 9.25 -8.50
CA TYR C 35 3.07 8.75 -8.91
C TYR C 35 3.46 9.38 -10.23
N GLN C 36 4.77 9.60 -10.47
CA GLN C 36 5.23 10.18 -11.74
C GLN C 36 6.01 9.14 -12.50
N GLN C 37 5.73 8.91 -13.79
CA GLN C 37 6.48 7.86 -14.48
C GLN C 37 6.89 8.26 -15.91
N HIS C 38 8.19 8.59 -16.10
CA HIS C 38 8.74 8.95 -17.40
C HIS C 38 8.82 7.72 -18.26
N ALA C 39 8.67 7.90 -19.59
CA ALA C 39 8.68 6.81 -20.57
C ALA C 39 9.91 5.91 -20.42
N GLY C 40 9.68 4.60 -20.36
CA GLY C 40 10.70 3.56 -20.23
C GLY C 40 11.45 3.57 -18.92
N GLU C 41 10.82 4.10 -17.87
CA GLU C 41 11.35 4.16 -16.51
C GLU C 41 10.25 3.73 -15.52
N ALA C 42 10.62 3.41 -14.27
CA ALA C 42 9.68 2.99 -13.24
C ALA C 42 9.05 4.21 -12.58
N PRO C 43 7.87 4.10 -11.92
CA PRO C 43 7.29 5.31 -11.29
C PRO C 43 8.01 5.70 -10.01
N THR C 44 7.92 6.99 -9.68
CA THR C 44 8.49 7.62 -8.50
C THR C 44 7.41 8.40 -7.77
N PHE C 45 7.36 8.21 -6.45
CA PHE C 45 6.38 8.82 -5.56
C PHE C 45 6.34 10.33 -5.66
N LEU C 46 5.12 10.88 -5.71
CA LEU C 46 4.90 12.31 -5.68
C LEU C 46 4.12 12.68 -4.42
N SER C 47 2.97 12.03 -4.14
CA SER C 47 2.21 12.44 -2.96
C SER C 47 1.33 11.37 -2.35
N TYR C 48 0.86 11.64 -1.12
CA TYR C 48 -0.07 10.79 -0.40
C TYR C 48 -1.08 11.65 0.36
N ASN C 49 -2.30 11.72 -0.16
CA ASN C 49 -3.32 12.50 0.53
C ASN C 49 -4.38 11.56 1.09
N VAL C 50 -4.70 11.71 2.37
CA VAL C 50 -5.73 10.85 2.97
C VAL C 50 -6.76 11.74 3.68
N LEU C 51 -6.36 12.94 4.10
CA LEU C 51 -7.26 13.89 4.75
C LEU C 51 -7.64 14.94 3.73
N ASP C 52 -8.88 15.46 3.85
CA ASP C 52 -9.43 16.50 2.99
C ASP C 52 -8.54 17.80 2.97
N GLY C 53 -8.50 18.47 1.82
CA GLY C 53 -7.71 19.69 1.65
C GLY C 53 -6.58 19.63 0.64
N LEU C 54 -6.07 20.82 0.26
CA LEU C 54 -4.96 20.99 -0.69
C LEU C 54 -3.60 20.99 0.04
N GLU C 55 -2.65 20.19 -0.45
CA GLU C 55 -1.34 20.11 0.16
C GLU C 55 -0.28 20.41 -0.87
N GLU C 56 0.55 21.43 -0.58
CA GLU C 56 1.62 21.90 -1.45
C GLU C 56 2.91 21.16 -1.12
N LYS C 57 3.77 20.96 -2.14
CA LYS C 57 5.07 20.28 -2.02
C LYS C 57 5.97 20.81 -3.15
N GLY C 58 6.15 22.13 -3.15
CA GLY C 58 6.96 22.85 -4.13
C GLY C 58 6.12 23.34 -5.29
N ARG C 59 6.57 23.05 -6.53
CA ARG C 59 5.86 23.42 -7.76
C ARG C 59 4.57 22.60 -7.90
N PHE C 60 4.52 21.43 -7.25
CA PHE C 60 3.38 20.55 -7.31
C PHE C 60 2.50 20.75 -6.11
N SER C 61 1.24 20.36 -6.27
CA SER C 61 0.21 20.40 -5.24
C SER C 61 -0.71 19.23 -5.46
N SER C 62 -1.29 18.72 -4.38
CA SER C 62 -2.18 17.58 -4.46
C SER C 62 -3.39 17.88 -3.61
N PHE C 63 -4.59 17.90 -4.22
CA PHE C 63 -5.81 18.20 -3.49
C PHE C 63 -6.67 16.97 -3.36
N LEU C 64 -7.43 16.86 -2.24
CA LEU C 64 -8.33 15.75 -2.05
C LEU C 64 -9.65 16.20 -1.42
N SER C 65 -10.76 15.62 -1.92
CA SER C 65 -12.12 15.75 -1.39
C SER C 65 -12.73 14.34 -1.28
N ARG C 66 -12.50 13.64 -0.12
CA ARG C 66 -13.00 12.27 0.12
C ARG C 66 -14.51 12.21 -0.03
N SER C 67 -15.17 13.31 0.35
CA SER C 67 -16.61 13.51 0.27
C SER C 67 -17.04 13.50 -1.20
N LYS C 68 -16.29 14.19 -2.08
CA LYS C 68 -16.58 14.27 -3.52
C LYS C 68 -15.90 13.15 -4.34
N GLY C 69 -15.16 12.24 -3.67
CA GLY C 69 -14.40 11.13 -4.26
C GLY C 69 -13.58 11.65 -5.43
N TYR C 70 -12.69 12.62 -5.12
CA TYR C 70 -11.96 13.41 -6.11
C TYR C 70 -10.64 14.00 -5.60
N SER C 71 -9.64 13.99 -6.47
CA SER C 71 -8.30 14.48 -6.25
C SER C 71 -7.77 15.17 -7.47
N TYR C 72 -6.71 15.99 -7.33
CA TYR C 72 -6.08 16.62 -8.48
C TYR C 72 -4.63 16.92 -8.22
N LEU C 73 -3.83 16.68 -9.23
CA LEU C 73 -2.42 17.05 -9.18
C LEU C 73 -2.28 18.34 -9.92
N LEU C 74 -1.74 19.37 -9.25
CA LEU C 74 -1.58 20.68 -9.86
C LEU C 74 -0.14 20.98 -10.04
N LEU C 75 0.29 21.04 -11.30
CA LEU C 75 1.67 21.36 -11.69
C LEU C 75 1.72 22.79 -12.15
N LYS C 76 2.34 23.68 -11.35
CA LYS C 76 2.43 25.09 -11.74
C LYS C 76 3.87 25.41 -12.16
N GLU C 77 4.07 26.59 -12.85
CA GLU C 77 5.37 27.08 -13.33
C GLU C 77 6.02 25.92 -14.15
N LEU C 78 5.17 25.29 -14.97
CA LEU C 78 5.42 24.13 -15.81
C LEU C 78 6.72 24.19 -16.66
N GLN C 79 7.41 23.06 -16.73
CA GLN C 79 8.70 22.88 -17.38
C GLN C 79 8.70 21.74 -18.38
N MET C 80 9.77 21.65 -19.20
CA MET C 80 9.88 20.61 -20.22
C MET C 80 10.07 19.25 -19.60
N LYS C 81 10.76 19.20 -18.42
CA LYS C 81 11.06 18.01 -17.62
C LYS C 81 9.77 17.32 -17.10
N ASP C 82 8.66 18.04 -17.08
CA ASP C 82 7.39 17.58 -16.56
C ASP C 82 6.66 16.68 -17.54
N SER C 83 7.05 16.66 -18.82
CA SER C 83 6.46 15.75 -19.80
C SER C 83 6.79 14.35 -19.32
N ALA C 84 5.81 13.76 -18.62
CA ALA C 84 5.86 12.45 -17.98
C ALA C 84 4.43 11.88 -17.96
N SER C 85 4.22 10.77 -17.26
CA SER C 85 2.88 10.20 -17.13
C SER C 85 2.57 10.22 -15.68
N TYR C 86 1.36 10.59 -15.34
CA TYR C 86 1.02 10.79 -13.94
C TYR C 86 -0.04 9.78 -13.47
N LEU C 87 0.45 8.78 -12.73
CA LEU C 87 -0.36 7.70 -12.21
C LEU C 87 -1.07 8.08 -10.91
N CYS C 88 -2.32 7.68 -10.83
CA CYS C 88 -3.23 7.92 -9.72
C CYS C 88 -3.70 6.58 -9.18
N ALA C 89 -3.67 6.39 -7.86
CA ALA C 89 -4.08 5.13 -7.24
C ALA C 89 -4.51 5.35 -5.84
N PHE C 90 -5.50 4.60 -5.41
CA PHE C 90 -5.99 4.71 -4.06
C PHE C 90 -6.03 3.36 -3.41
N MET C 91 -6.01 3.35 -2.08
CA MET C 91 -6.13 2.18 -1.21
C MET C 91 -7.58 1.97 -0.89
N ASP C 92 -8.14 0.84 -1.31
CA ASP C 92 -9.54 0.55 -1.04
C ASP C 92 -9.71 -0.11 0.38
N SER C 93 -10.96 -0.42 0.76
CA SER C 93 -11.40 -1.02 2.02
C SER C 93 -10.50 -2.18 2.52
N ASN C 94 -10.05 -3.12 1.62
CA ASN C 94 -9.20 -4.28 1.98
C ASN C 94 -7.70 -4.05 1.65
N TYR C 95 -7.24 -2.79 1.76
CA TYR C 95 -5.86 -2.28 1.60
C TYR C 95 -5.21 -2.61 0.23
N GLN C 96 -6.02 -2.83 -0.81
CA GLN C 96 -5.57 -3.09 -2.17
C GLN C 96 -5.42 -1.75 -2.90
N LEU C 97 -4.30 -1.56 -3.61
CA LEU C 97 -4.03 -0.34 -4.40
C LEU C 97 -4.73 -0.48 -5.77
N ILE C 98 -5.61 0.49 -6.09
CA ILE C 98 -6.39 0.47 -7.32
C ILE C 98 -5.82 1.53 -8.26
N TRP C 99 -5.01 1.10 -9.25
CA TRP C 99 -4.36 2.05 -10.18
C TRP C 99 -5.28 2.58 -11.26
N GLY C 100 -5.00 3.82 -11.66
CA GLY C 100 -5.64 4.48 -12.79
C GLY C 100 -4.81 4.16 -14.01
N ALA C 101 -5.32 4.46 -15.23
CA ALA C 101 -4.57 4.16 -16.47
C ALA C 101 -3.40 5.16 -16.72
N GLY C 102 -3.41 6.29 -15.98
CA GLY C 102 -2.41 7.35 -16.02
C GLY C 102 -2.61 8.38 -17.12
N THR C 103 -2.41 9.67 -16.80
CA THR C 103 -2.50 10.76 -17.75
C THR C 103 -1.15 11.03 -18.35
N LYS C 104 -1.02 11.02 -19.71
CA LYS C 104 0.24 11.35 -20.38
C LYS C 104 0.26 12.85 -20.57
N LEU C 105 1.23 13.56 -19.93
CA LEU C 105 1.34 15.02 -20.03
C LEU C 105 2.37 15.42 -21.07
N ILE C 106 1.90 16.20 -22.05
CA ILE C 106 2.69 16.68 -23.18
C ILE C 106 2.91 18.20 -23.04
N ILE C 107 4.16 18.62 -22.80
CA ILE C 107 4.44 20.03 -22.62
C ILE C 107 4.86 20.64 -23.95
N LYS C 108 4.01 21.49 -24.53
CA LYS C 108 4.37 22.18 -25.77
C LYS C 108 5.14 23.46 -25.34
N PRO C 109 6.25 23.81 -26.01
CA PRO C 109 7.00 24.99 -25.57
C PRO C 109 6.35 26.30 -26.04
N ASP C 110 6.83 27.46 -25.54
CA ASP C 110 6.31 28.76 -25.93
C ASP C 110 7.29 29.49 -26.89
N ILE C 111 7.29 29.11 -28.18
CA ILE C 111 8.22 29.67 -29.18
C ILE C 111 7.71 31.05 -29.57
N GLN C 112 8.21 32.07 -28.86
CA GLN C 112 7.81 33.46 -29.06
C GLN C 112 8.57 34.20 -30.20
N ASN C 113 9.79 33.74 -30.57
CA ASN C 113 10.55 34.35 -31.67
C ASN C 113 11.02 33.27 -32.69
N PRO C 114 10.10 32.81 -33.58
CA PRO C 114 10.45 31.75 -34.52
C PRO C 114 11.00 32.23 -35.85
N ASP C 115 11.88 31.42 -36.46
CA ASP C 115 12.43 31.65 -37.80
C ASP C 115 12.58 30.26 -38.44
N PRO C 116 11.46 29.70 -38.95
CA PRO C 116 11.52 28.36 -39.55
C PRO C 116 12.51 28.35 -40.68
N ALA C 117 13.42 27.40 -40.62
CA ALA C 117 14.48 27.25 -41.61
C ALA C 117 14.85 25.80 -41.74
N VAL C 118 15.15 25.38 -42.97
CA VAL C 118 15.60 24.02 -43.28
C VAL C 118 17.08 24.11 -43.66
N TYR C 119 17.92 23.28 -43.03
CA TYR C 119 19.36 23.31 -43.23
C TYR C 119 19.89 21.96 -43.67
N GLN C 120 21.12 21.94 -44.21
CA GLN C 120 21.81 20.73 -44.60
C GLN C 120 23.12 20.63 -43.82
N LEU C 121 23.33 19.46 -43.19
CA LEU C 121 24.50 19.10 -42.39
C LEU C 121 25.32 18.01 -43.13
N ARG C 122 26.64 17.95 -42.89
CA ARG C 122 27.50 16.95 -43.53
C ARG C 122 28.26 16.16 -42.48
N ASP C 123 28.47 14.85 -42.74
CA ASP C 123 29.14 13.89 -41.85
C ASP C 123 30.61 14.29 -41.58
N SER C 124 31.07 14.06 -40.32
CA SER C 124 32.42 14.32 -39.84
C SER C 124 33.49 13.51 -40.62
N LYS C 125 33.22 12.19 -40.85
CA LYS C 125 34.13 11.27 -41.56
C LYS C 125 33.77 11.06 -43.07
N SER C 126 32.45 10.90 -43.40
CA SER C 126 32.00 10.63 -44.78
C SER C 126 31.59 11.89 -45.57
N SER C 127 31.66 11.79 -46.91
CA SER C 127 31.36 12.87 -47.85
C SER C 127 29.91 12.80 -48.40
N ASP C 128 29.52 11.65 -49.00
CA ASP C 128 28.19 11.45 -49.60
C ASP C 128 27.04 11.59 -48.56
N LYS C 129 27.31 11.28 -47.26
CA LYS C 129 26.35 11.32 -46.14
C LYS C 129 25.98 12.78 -45.74
N SER C 130 24.64 13.04 -45.62
CA SER C 130 24.05 14.34 -45.27
C SER C 130 22.60 14.22 -44.73
N VAL C 131 22.19 15.14 -43.81
CA VAL C 131 20.85 15.22 -43.21
C VAL C 131 20.28 16.63 -43.36
N CYS C 132 18.93 16.75 -43.42
CA CYS C 132 18.23 18.02 -43.48
C CYS C 132 17.59 18.28 -42.14
N LEU C 133 17.68 19.51 -41.63
CA LEU C 133 17.12 19.83 -40.32
C LEU C 133 16.19 21.02 -40.39
N PHE C 134 14.93 20.78 -40.10
CA PHE C 134 13.91 21.81 -40.04
C PHE C 134 13.86 22.25 -38.59
N THR C 135 14.39 23.43 -38.30
CA THR C 135 14.47 23.91 -36.91
C THR C 135 13.89 25.34 -36.76
N ASP C 136 13.81 25.81 -35.50
CA ASP C 136 13.31 27.12 -35.07
C ASP C 136 11.88 27.42 -35.61
N PHE C 137 11.02 26.41 -35.68
CA PHE C 137 9.65 26.60 -36.13
C PHE C 137 8.70 26.62 -34.93
N ASP C 138 7.55 27.31 -35.10
CA ASP C 138 6.53 27.47 -34.06
C ASP C 138 5.87 26.14 -33.65
N SER C 139 5.31 26.11 -32.41
CA SER C 139 4.59 24.95 -31.84
C SER C 139 3.29 24.69 -32.58
N GLN C 140 2.81 25.70 -33.34
CA GLN C 140 1.63 25.64 -34.21
C GLN C 140 1.88 24.62 -35.32
N THR C 141 3.05 24.75 -36.00
CA THR C 141 3.53 23.86 -37.07
C THR C 141 3.85 22.48 -36.51
N ASN C 142 3.26 21.43 -37.12
CA ASN C 142 3.53 20.05 -36.71
C ASN C 142 4.10 19.29 -37.90
N VAL C 143 5.07 18.43 -37.60
CA VAL C 143 5.82 17.64 -38.56
C VAL C 143 5.21 16.25 -38.69
N SER C 144 4.74 15.97 -39.95
CA SER C 144 4.14 14.71 -40.42
C SER C 144 5.24 13.78 -40.93
N GLN C 145 5.14 12.48 -40.56
CA GLN C 145 6.10 11.41 -40.92
C GLN C 145 6.10 11.11 -42.44
N SER C 146 7.16 10.44 -42.90
CA SER C 146 7.34 10.09 -44.31
C SER C 146 6.34 9.02 -44.76
N LYS C 147 5.74 9.24 -45.95
CA LYS C 147 4.87 8.29 -46.64
C LYS C 147 5.74 7.49 -47.66
N ASP C 148 7.09 7.69 -47.59
CA ASP C 148 8.14 7.02 -48.37
C ASP C 148 8.92 6.06 -47.46
N SER C 149 9.30 4.88 -47.99
CA SER C 149 10.00 3.86 -47.22
C SER C 149 11.53 4.07 -47.16
N ASP C 150 12.11 4.77 -48.17
CA ASP C 150 13.55 5.01 -48.27
C ASP C 150 13.95 6.40 -47.73
N VAL C 151 12.96 7.24 -47.35
CA VAL C 151 13.18 8.55 -46.73
C VAL C 151 12.71 8.46 -45.29
N TYR C 152 13.52 8.98 -44.34
CA TYR C 152 13.27 8.92 -42.90
C TYR C 152 13.08 10.30 -42.31
N ILE C 153 11.98 10.52 -41.55
CA ILE C 153 11.67 11.82 -40.93
C ILE C 153 11.24 11.59 -39.49
N THR C 154 11.95 12.21 -38.54
CA THR C 154 11.65 12.11 -37.10
C THR C 154 10.58 13.14 -36.74
N ASP C 155 9.91 12.97 -35.59
CA ASP C 155 8.93 13.96 -35.14
C ASP C 155 9.65 15.06 -34.38
N LYS C 156 9.01 16.25 -34.24
CA LYS C 156 9.57 17.41 -33.52
C LYS C 156 10.02 17.04 -32.09
N CYS C 157 11.07 17.72 -31.63
CA CYS C 157 11.74 17.52 -30.36
C CYS C 157 12.17 18.91 -29.87
N VAL C 158 11.90 19.27 -28.59
CA VAL C 158 12.28 20.60 -28.04
C VAL C 158 13.60 20.56 -27.25
N LEU C 159 14.53 21.46 -27.57
CA LEU C 159 15.82 21.53 -26.87
C LEU C 159 16.00 22.89 -26.20
N ASP C 160 16.31 22.85 -24.90
CA ASP C 160 16.49 24.00 -24.02
C ASP C 160 17.98 24.32 -23.87
N MET C 161 18.35 25.56 -24.19
CA MET C 161 19.70 26.08 -24.05
C MET C 161 19.71 26.96 -22.79
N ARG C 162 19.43 26.33 -21.63
CA ARG C 162 19.31 26.90 -20.27
C ARG C 162 20.32 28.06 -19.97
N SER C 163 21.55 27.99 -20.51
CA SER C 163 22.61 29.01 -20.36
C SER C 163 22.21 30.36 -21.03
N MET C 164 21.10 30.37 -21.82
CA MET C 164 20.59 31.50 -22.61
C MET C 164 19.06 31.66 -22.58
N ASP C 165 18.32 30.78 -21.86
CA ASP C 165 16.84 30.70 -21.80
C ASP C 165 16.31 30.72 -23.25
N PHE C 166 16.55 29.61 -23.95
CA PHE C 166 16.21 29.46 -25.35
C PHE C 166 15.73 28.06 -25.65
N LYS C 167 14.63 27.94 -26.39
CA LYS C 167 14.12 26.63 -26.78
C LYS C 167 13.87 26.64 -28.25
N SER C 168 13.87 25.45 -28.87
CA SER C 168 13.60 25.30 -30.30
C SER C 168 13.19 23.89 -30.66
N ASN C 169 12.17 23.80 -31.53
CA ASN C 169 11.64 22.56 -32.08
C ASN C 169 12.47 22.16 -33.30
N SER C 170 12.74 20.88 -33.45
CA SER C 170 13.59 20.42 -34.55
C SER C 170 13.10 19.08 -35.12
N ALA C 171 13.21 18.93 -36.44
CA ALA C 171 12.87 17.68 -37.13
C ALA C 171 14.01 17.34 -38.07
N VAL C 172 14.44 16.08 -38.04
CA VAL C 172 15.56 15.65 -38.88
C VAL C 172 15.01 14.75 -39.95
N ALA C 173 15.58 14.84 -41.15
CA ALA C 173 15.20 14.04 -42.31
C ALA C 173 16.43 13.65 -43.12
N TRP C 174 16.56 12.37 -43.49
CA TRP C 174 17.68 11.88 -44.29
C TRP C 174 17.20 10.75 -45.23
N SER C 175 17.99 10.51 -46.30
CA SER C 175 17.76 9.47 -47.30
C SER C 175 19.00 9.27 -48.16
N ASN C 176 19.16 8.03 -48.67
CA ASN C 176 20.22 7.63 -49.59
C ASN C 176 19.80 7.97 -51.02
N LYS C 177 18.47 8.16 -51.25
CA LYS C 177 17.84 8.49 -52.53
C LYS C 177 18.62 9.60 -53.26
N SER C 178 18.96 9.35 -54.54
CA SER C 178 19.75 10.21 -55.43
C SER C 178 19.22 11.65 -55.46
N ASP C 179 17.88 11.82 -55.67
CA ASP C 179 17.16 13.10 -55.80
C ASP C 179 16.65 13.67 -54.44
N PHE C 180 17.28 13.28 -53.31
CA PHE C 180 16.90 13.80 -52.01
C PHE C 180 17.51 15.21 -51.80
N ALA C 181 16.63 16.22 -51.70
CA ALA C 181 16.98 17.63 -51.49
C ALA C 181 16.30 18.17 -50.24
N CYS C 182 16.84 19.24 -49.66
CA CYS C 182 16.27 19.82 -48.46
C CYS C 182 15.00 20.64 -48.78
N ALA C 183 14.89 21.15 -50.03
CA ALA C 183 13.73 21.91 -50.48
C ALA C 183 12.49 21.02 -50.66
N ASN C 184 12.66 19.68 -50.85
CA ASN C 184 11.54 18.73 -50.99
C ASN C 184 11.41 17.76 -49.78
N ALA C 185 12.32 17.89 -48.79
CA ALA C 185 12.45 17.05 -47.60
C ALA C 185 11.21 17.00 -46.70
N PHE C 186 10.57 18.15 -46.48
CA PHE C 186 9.43 18.21 -45.55
C PHE C 186 8.10 18.58 -46.29
N ASN C 187 7.93 18.11 -47.55
CA ASN C 187 6.76 18.35 -48.40
C ASN C 187 5.49 17.64 -47.88
N ASN C 188 5.67 16.52 -47.12
CA ASN C 188 4.59 15.73 -46.51
C ASN C 188 3.86 16.51 -45.39
N SER C 189 4.49 17.61 -44.89
CA SER C 189 3.96 18.47 -43.83
C SER C 189 3.66 19.88 -44.33
N ILE C 190 2.69 20.57 -43.69
CA ILE C 190 2.37 21.96 -44.02
C ILE C 190 3.27 22.84 -43.13
N ILE C 191 4.27 23.45 -43.79
CA ILE C 191 5.30 24.30 -43.18
C ILE C 191 5.02 25.79 -43.45
N PRO C 192 5.48 26.73 -42.56
CA PRO C 192 5.23 28.17 -42.79
C PRO C 192 5.65 28.66 -44.17
N GLU C 193 4.92 29.64 -44.75
CA GLU C 193 5.24 30.18 -46.07
C GLU C 193 6.55 31.02 -46.04
N ASP C 194 6.91 31.53 -44.85
CA ASP C 194 8.11 32.33 -44.60
C ASP C 194 9.34 31.45 -44.18
N THR C 195 9.27 30.11 -44.37
CA THR C 195 10.36 29.18 -44.03
C THR C 195 11.58 29.48 -44.91
N PHE C 196 12.77 29.60 -44.28
CA PHE C 196 14.03 29.91 -44.96
C PHE C 196 14.67 28.64 -45.56
N PHE C 197 15.22 28.78 -46.79
CA PHE C 197 15.94 27.73 -47.52
C PHE C 197 17.23 28.29 -48.12
N PRO C 198 18.42 27.83 -47.68
CA PRO C 198 19.68 28.36 -48.23
C PRO C 198 20.02 27.76 -49.59
N ALA D 3 13.85 4.94 0.87
CA ALA D 3 14.12 3.52 0.67
C ALA D 3 14.45 3.24 -0.76
N VAL D 4 15.26 2.19 -1.02
CA VAL D 4 15.63 1.83 -2.39
C VAL D 4 15.47 0.33 -2.63
N VAL D 5 15.03 0.02 -3.85
CA VAL D 5 14.80 -1.29 -4.43
C VAL D 5 15.65 -1.33 -5.70
N SER D 6 16.36 -2.42 -5.89
CA SER D 6 17.25 -2.63 -7.02
C SER D 6 16.84 -3.90 -7.72
N GLN D 7 16.85 -3.91 -9.05
CA GLN D 7 16.51 -5.16 -9.71
C GLN D 7 17.43 -5.44 -10.93
N HIS D 8 18.09 -6.61 -10.90
CA HIS D 8 19.05 -7.05 -11.88
C HIS D 8 18.50 -8.25 -12.68
N PRO D 9 18.67 -8.34 -14.04
CA PRO D 9 19.38 -7.41 -14.94
C PRO D 9 18.49 -6.25 -15.37
N SER D 10 19.09 -5.19 -15.92
CA SER D 10 18.38 -3.99 -16.37
C SER D 10 17.80 -4.15 -17.78
N TRP D 11 18.52 -4.89 -18.65
CA TRP D 11 18.21 -5.25 -20.04
C TRP D 11 18.60 -6.70 -20.24
N VAL D 12 17.81 -7.44 -21.02
CA VAL D 12 18.08 -8.86 -21.26
C VAL D 12 17.50 -9.29 -22.62
N ILE D 13 18.31 -10.02 -23.38
CA ILE D 13 17.93 -10.61 -24.65
C ILE D 13 18.04 -12.11 -24.46
N SER D 14 16.95 -12.84 -24.73
CA SER D 14 16.94 -14.29 -24.61
C SER D 14 16.16 -14.92 -25.76
N LYS D 15 16.58 -16.10 -26.20
CA LYS D 15 15.93 -16.84 -27.28
C LYS D 15 14.56 -17.40 -26.85
N SER D 16 13.73 -17.68 -27.83
CA SER D 16 12.42 -18.29 -27.60
C SER D 16 12.66 -19.71 -27.07
N GLY D 17 12.03 -20.05 -25.94
CA GLY D 17 12.14 -21.37 -25.31
C GLY D 17 12.93 -21.41 -24.02
N THR D 18 13.83 -20.41 -23.81
CA THR D 18 14.67 -20.33 -22.61
C THR D 18 13.90 -19.80 -21.41
N SER D 19 14.58 -19.72 -20.25
CA SER D 19 14.00 -19.22 -19.02
C SER D 19 14.89 -18.15 -18.40
N VAL D 20 14.32 -16.93 -18.33
CA VAL D 20 14.95 -15.72 -17.78
C VAL D 20 14.45 -15.47 -16.35
N LYS D 21 15.37 -15.10 -15.43
CA LYS D 21 15.06 -14.84 -14.01
C LYS D 21 15.44 -13.42 -13.62
N ILE D 22 14.44 -12.60 -13.25
CA ILE D 22 14.69 -11.24 -12.80
C ILE D 22 14.66 -11.21 -11.29
N GLU D 23 15.81 -10.91 -10.69
CA GLU D 23 15.96 -10.82 -9.25
C GLU D 23 15.57 -9.42 -8.85
N CYS D 24 15.15 -9.24 -7.59
CA CYS D 24 14.78 -7.94 -7.07
C CYS D 24 15.07 -7.83 -5.56
N ARG D 25 15.95 -6.88 -5.18
CA ARG D 25 16.36 -6.71 -3.79
C ARG D 25 16.08 -5.30 -3.23
N SER D 26 15.61 -5.23 -1.96
CA SER D 26 15.41 -3.97 -1.23
C SER D 26 16.68 -3.74 -0.41
N LEU D 27 17.55 -2.82 -0.91
CA LEU D 27 18.89 -2.51 -0.41
C LEU D 27 18.97 -1.98 1.04
N ASP D 28 17.83 -1.65 1.70
CA ASP D 28 17.87 -1.11 3.06
C ASP D 28 17.03 -1.96 4.02
N PHE D 29 15.69 -1.78 3.96
CA PHE D 29 14.67 -2.44 4.79
C PHE D 29 14.25 -3.82 4.25
N GLN D 30 13.60 -4.62 5.10
CA GLN D 30 13.09 -5.93 4.71
C GLN D 30 11.65 -5.77 4.24
N ALA D 31 11.29 -6.38 3.10
CA ALA D 31 9.95 -6.28 2.53
C ALA D 31 9.14 -7.58 2.70
N THR D 32 8.05 -7.51 3.48
CA THR D 32 7.17 -8.66 3.74
C THR D 32 6.40 -9.05 2.47
N THR D 33 6.16 -8.05 1.60
CA THR D 33 5.44 -8.20 0.35
C THR D 33 6.09 -7.33 -0.75
N MET D 34 6.27 -7.95 -1.92
CA MET D 34 6.83 -7.34 -3.13
C MET D 34 5.91 -7.62 -4.31
N PHE D 35 5.87 -6.70 -5.27
CA PHE D 35 4.98 -6.79 -6.42
C PHE D 35 5.70 -6.92 -7.74
N TRP D 36 5.01 -7.51 -8.74
CA TRP D 36 5.54 -7.64 -10.10
C TRP D 36 4.59 -6.97 -11.07
N TYR D 37 5.08 -5.91 -11.71
CA TYR D 37 4.35 -5.12 -12.69
C TYR D 37 4.88 -5.33 -14.10
N ARG D 38 4.10 -4.97 -15.11
CA ARG D 38 4.48 -5.13 -16.51
C ARG D 38 3.90 -4.01 -17.36
N GLN D 39 4.65 -3.51 -18.36
CA GLN D 39 4.13 -2.41 -19.18
C GLN D 39 4.39 -2.61 -20.68
N PHE D 40 3.42 -3.21 -21.37
CA PHE D 40 3.51 -3.46 -22.80
C PHE D 40 3.48 -2.14 -23.54
N PRO D 41 4.23 -1.98 -24.65
CA PRO D 41 4.20 -0.70 -25.36
C PRO D 41 3.07 -0.66 -26.40
N LYS D 42 2.11 0.29 -26.30
CA LYS D 42 1.96 1.27 -25.24
C LYS D 42 0.67 0.93 -24.49
N GLN D 43 0.80 0.73 -23.18
CA GLN D 43 -0.27 0.37 -22.25
C GLN D 43 0.05 0.92 -20.87
N SER D 44 -0.94 0.86 -19.95
CA SER D 44 -0.74 1.30 -18.56
C SER D 44 0.19 0.33 -17.85
N LEU D 45 0.62 0.68 -16.64
CA LEU D 45 1.42 -0.22 -15.85
C LEU D 45 0.47 -1.26 -15.23
N MET D 46 0.54 -2.51 -15.67
CA MET D 46 -0.37 -3.53 -15.17
C MET D 46 0.29 -4.39 -14.12
N LEU D 47 -0.41 -4.68 -13.00
CA LEU D 47 0.13 -5.58 -11.98
C LEU D 47 -0.05 -7.02 -12.47
N MET D 48 0.95 -7.87 -12.30
CA MET D 48 0.81 -9.25 -12.76
C MET D 48 0.89 -10.25 -11.60
N ALA D 49 1.63 -9.96 -10.51
CA ALA D 49 1.73 -10.89 -9.38
C ALA D 49 2.08 -10.20 -8.06
N THR D 50 1.84 -10.89 -6.95
CA THR D 50 2.13 -10.41 -5.61
C THR D 50 2.95 -11.47 -4.89
N SER D 51 4.18 -11.12 -4.47
CA SER D 51 5.11 -11.99 -3.75
C SER D 51 4.95 -11.80 -2.23
N ASN D 52 4.75 -12.90 -1.47
CA ASN D 52 4.56 -12.82 -0.02
C ASN D 52 5.46 -13.80 0.73
N GLU D 53 6.14 -13.30 1.79
CA GLU D 53 7.02 -14.12 2.62
C GLU D 53 6.17 -15.05 3.48
N GLY D 54 6.56 -16.32 3.48
CA GLY D 54 5.88 -17.39 4.23
C GLY D 54 4.49 -17.75 3.73
N SER D 55 4.13 -17.29 2.52
CA SER D 55 2.85 -17.52 1.83
C SER D 55 3.10 -17.81 0.34
N LYS D 56 2.06 -18.17 -0.43
CA LYS D 56 2.20 -18.43 -1.87
C LYS D 56 2.12 -17.11 -2.69
N ALA D 57 2.22 -17.19 -4.03
CA ALA D 57 2.17 -16.02 -4.91
C ALA D 57 0.78 -15.86 -5.53
N THR D 58 0.23 -14.64 -5.39
CA THR D 58 -1.09 -14.27 -5.90
C THR D 58 -0.93 -13.71 -7.32
N TYR D 59 -1.64 -14.30 -8.30
CA TYR D 59 -1.60 -13.85 -9.70
C TYR D 59 -2.86 -13.09 -10.06
N GLU D 60 -2.87 -12.42 -11.23
CA GLU D 60 -3.99 -11.59 -11.64
C GLU D 60 -4.76 -12.20 -12.83
N GLN D 61 -5.73 -11.42 -13.41
CA GLN D 61 -6.60 -11.82 -14.52
C GLN D 61 -5.87 -12.57 -15.63
N GLY D 62 -5.02 -11.87 -16.38
CA GLY D 62 -4.24 -12.41 -17.49
C GLY D 62 -3.17 -13.42 -17.14
N VAL D 63 -2.31 -13.10 -16.14
CA VAL D 63 -1.17 -13.91 -15.65
C VAL D 63 -1.52 -15.42 -15.53
N GLU D 64 -0.63 -16.28 -16.08
CA GLU D 64 -0.75 -17.74 -16.05
C GLU D 64 0.38 -18.31 -15.19
N LYS D 65 0.04 -18.83 -13.98
CA LYS D 65 0.94 -19.39 -12.96
C LYS D 65 1.95 -20.43 -13.51
N ASP D 66 1.70 -20.93 -14.76
CA ASP D 66 2.54 -21.90 -15.48
C ASP D 66 3.69 -21.23 -16.28
N LYS D 67 3.53 -19.94 -16.66
CA LYS D 67 4.53 -19.20 -17.44
C LYS D 67 5.52 -18.45 -16.56
N PHE D 68 5.07 -17.94 -15.39
CA PHE D 68 5.90 -17.16 -14.46
C PHE D 68 6.07 -17.87 -13.14
N LEU D 69 7.30 -17.82 -12.59
CA LEU D 69 7.62 -18.51 -11.33
C LEU D 69 8.21 -17.52 -10.33
N ILE D 70 7.34 -16.89 -9.54
CA ILE D 70 7.75 -15.92 -8.54
C ILE D 70 7.91 -16.63 -7.21
N ASN D 71 8.99 -16.31 -6.49
CA ASN D 71 9.27 -16.87 -5.17
C ASN D 71 9.94 -15.84 -4.28
N HIS D 72 9.55 -15.82 -2.99
CA HIS D 72 10.10 -14.93 -1.99
C HIS D 72 11.31 -15.65 -1.37
N ALA D 73 12.50 -15.43 -1.96
CA ALA D 73 13.78 -16.05 -1.60
C ALA D 73 14.19 -15.77 -0.14
N SER D 74 14.38 -14.49 0.17
CA SER D 74 14.74 -13.92 1.47
C SER D 74 13.66 -12.89 1.85
N LEU D 75 13.91 -12.01 2.83
CA LEU D 75 12.98 -10.91 3.17
C LEU D 75 13.41 -9.66 2.40
N THR D 76 14.60 -9.75 1.78
CA THR D 76 15.19 -8.70 0.98
C THR D 76 15.09 -9.10 -0.52
N LEU D 77 14.86 -10.38 -0.84
CA LEU D 77 14.84 -10.83 -2.23
C LEU D 77 13.55 -11.53 -2.75
N SER D 78 13.12 -11.15 -3.96
CA SER D 78 12.01 -11.73 -4.74
C SER D 78 12.47 -11.94 -6.18
N THR D 79 12.14 -13.10 -6.77
CA THR D 79 12.60 -13.44 -8.10
C THR D 79 11.50 -14.01 -8.99
N LEU D 80 11.24 -13.32 -10.11
CA LEU D 80 10.29 -13.69 -11.17
C LEU D 80 11.05 -14.48 -12.25
N THR D 81 10.57 -15.69 -12.60
CA THR D 81 11.26 -16.47 -13.63
C THR D 81 10.29 -16.88 -14.72
N VAL D 82 10.57 -16.40 -15.94
CA VAL D 82 9.76 -16.66 -17.13
C VAL D 82 10.16 -18.00 -17.70
N THR D 83 9.38 -19.04 -17.40
CA THR D 83 9.62 -20.41 -17.90
C THR D 83 9.06 -20.50 -19.34
N SER D 84 9.87 -21.05 -20.28
CA SER D 84 9.56 -21.22 -21.71
C SER D 84 9.08 -19.89 -22.33
N ALA D 85 10.03 -18.96 -22.57
CA ALA D 85 9.78 -17.62 -23.11
C ALA D 85 9.37 -17.64 -24.59
N HIS D 86 8.54 -16.67 -24.99
CA HIS D 86 8.01 -16.50 -26.35
C HIS D 86 7.99 -15.01 -26.70
N PRO D 87 8.22 -14.57 -27.97
CA PRO D 87 8.20 -13.13 -28.29
C PRO D 87 7.01 -12.31 -27.75
N GLU D 88 5.86 -12.95 -27.49
CA GLU D 88 4.69 -12.28 -26.90
C GLU D 88 4.95 -11.85 -25.42
N ASP D 89 5.84 -12.58 -24.70
CA ASP D 89 6.23 -12.33 -23.30
C ASP D 89 7.12 -11.09 -23.14
N SER D 90 7.85 -10.68 -24.22
CA SER D 90 8.75 -9.52 -24.24
C SER D 90 8.02 -8.27 -23.79
N SER D 91 8.55 -7.61 -22.75
CA SER D 91 7.95 -6.44 -22.09
C SER D 91 8.92 -5.79 -21.08
N PHE D 92 8.46 -4.70 -20.44
CA PHE D 92 9.12 -3.95 -19.37
C PHE D 92 8.57 -4.46 -18.04
N TYR D 93 9.45 -5.02 -17.18
CA TYR D 93 9.09 -5.68 -15.91
C TYR D 93 9.59 -4.91 -14.71
N ILE D 94 8.70 -4.25 -14.02
CA ILE D 94 9.06 -3.48 -12.83
C ILE D 94 8.75 -4.26 -11.56
N CYS D 95 9.67 -4.16 -10.63
CA CYS D 95 9.57 -4.72 -9.32
C CYS D 95 9.08 -3.66 -8.36
N SER D 96 8.35 -4.07 -7.35
CA SER D 96 7.91 -3.11 -6.35
C SER D 96 8.02 -3.71 -4.96
N ALA D 97 8.22 -2.88 -3.93
CA ALA D 97 8.23 -3.34 -2.55
C ALA D 97 7.39 -2.39 -1.69
N ARG D 98 6.42 -2.93 -0.95
CA ARG D 98 5.57 -2.11 -0.09
C ARG D 98 6.30 -1.78 1.22
N THR D 99 5.96 -0.62 1.82
CA THR D 99 6.48 -0.10 3.10
C THR D 99 6.02 -1.03 4.27
N SER D 100 6.65 -0.91 5.45
CA SER D 100 6.21 -1.71 6.59
C SER D 100 4.79 -1.21 7.03
N GLY D 101 4.63 0.12 7.08
CA GLY D 101 3.39 0.80 7.42
C GLY D 101 2.23 0.39 6.53
N ASP D 102 1.03 0.45 7.08
CA ASP D 102 -0.19 0.01 6.42
C ASP D 102 -0.67 0.86 5.23
N PHE D 103 -0.35 2.20 5.17
CA PHE D 103 -0.86 3.12 4.12
C PHE D 103 -0.48 2.71 2.67
N GLY D 104 0.47 1.80 2.53
CA GLY D 104 0.79 1.15 1.26
C GLY D 104 1.62 1.82 0.20
N GLU D 105 2.53 2.73 0.58
CA GLU D 105 3.44 3.32 -0.39
C GLU D 105 4.36 2.24 -0.95
N GLN D 106 4.47 2.20 -2.24
CA GLN D 106 5.38 1.24 -2.83
C GLN D 106 6.68 1.95 -3.22
N PHE D 107 7.76 1.16 -3.37
CA PHE D 107 9.10 1.57 -3.78
C PHE D 107 9.44 0.73 -4.99
N PHE D 108 9.69 1.36 -6.14
CA PHE D 108 9.91 0.61 -7.37
C PHE D 108 11.41 0.39 -7.76
N GLY D 109 11.67 -0.78 -8.33
CA GLY D 109 12.97 -1.10 -8.86
C GLY D 109 13.05 -0.53 -10.27
N PRO D 110 14.21 -0.06 -10.74
CA PRO D 110 14.26 0.48 -12.12
C PRO D 110 14.42 -0.64 -13.14
N GLY D 111 13.89 -0.47 -14.34
CA GLY D 111 14.00 -1.54 -15.34
C GLY D 111 13.01 -2.62 -14.95
N THR D 112 13.06 -3.87 -15.48
CA THR D 112 13.93 -4.58 -16.43
C THR D 112 13.29 -4.61 -17.83
N ARG D 113 14.09 -4.45 -18.88
CA ARG D 113 13.61 -4.52 -20.26
C ARG D 113 13.99 -5.88 -20.89
N LEU D 114 13.02 -6.85 -20.95
CA LEU D 114 13.23 -8.18 -21.54
C LEU D 114 12.63 -8.24 -22.91
N THR D 115 13.43 -8.67 -23.91
CA THR D 115 12.95 -8.84 -25.29
C THR D 115 13.33 -10.25 -25.75
N VAL D 116 12.30 -11.05 -26.05
CA VAL D 116 12.44 -12.43 -26.51
C VAL D 116 12.49 -12.41 -28.03
N LEU D 117 13.45 -13.13 -28.59
CA LEU D 117 13.64 -13.24 -30.03
C LEU D 117 13.76 -14.70 -30.41
N GLU D 118 13.01 -15.14 -31.43
CA GLU D 118 13.02 -16.53 -31.93
C GLU D 118 14.41 -16.84 -32.52
N ASP D 119 15.07 -15.82 -33.13
CA ASP D 119 16.42 -15.93 -33.68
C ASP D 119 17.28 -14.76 -33.23
N LEU D 120 18.49 -15.07 -32.76
CA LEU D 120 19.45 -14.10 -32.26
C LEU D 120 20.29 -13.52 -33.41
N LYS D 121 20.19 -14.13 -34.63
CA LYS D 121 20.91 -13.68 -35.84
C LYS D 121 20.36 -12.32 -36.32
N ASN D 122 19.33 -11.79 -35.64
CA ASN D 122 18.71 -10.49 -35.90
C ASN D 122 19.29 -9.38 -34.98
N VAL D 123 20.14 -9.73 -34.00
CA VAL D 123 20.72 -8.73 -33.11
C VAL D 123 21.87 -8.02 -33.84
N PHE D 124 21.75 -6.70 -34.00
CA PHE D 124 22.79 -5.90 -34.64
C PHE D 124 23.14 -4.70 -33.78
N PRO D 125 24.43 -4.42 -33.57
CA PRO D 125 24.78 -3.22 -32.79
C PRO D 125 24.62 -1.98 -33.66
N PRO D 126 24.53 -0.76 -33.08
CA PRO D 126 24.36 0.41 -33.94
C PRO D 126 25.65 0.86 -34.63
N GLU D 127 25.45 1.67 -35.66
CA GLU D 127 26.47 2.38 -36.42
C GLU D 127 26.17 3.85 -36.12
N VAL D 128 27.17 4.61 -35.65
CA VAL D 128 26.95 6.00 -35.25
C VAL D 128 27.74 6.98 -36.15
N ALA D 129 27.05 8.05 -36.58
CA ALA D 129 27.59 9.11 -37.43
C ALA D 129 27.18 10.44 -36.88
N VAL D 130 28.09 11.44 -36.93
CA VAL D 130 27.79 12.78 -36.43
C VAL D 130 27.87 13.76 -37.58
N PHE D 131 27.01 14.78 -37.54
CA PHE D 131 26.91 15.76 -38.60
C PHE D 131 27.23 17.17 -38.09
N GLU D 132 28.28 17.77 -38.66
CA GLU D 132 28.76 19.12 -38.31
C GLU D 132 27.70 20.19 -38.67
N PRO D 133 27.56 21.28 -37.85
CA PRO D 133 26.51 22.28 -38.12
C PRO D 133 26.69 23.07 -39.43
N SER D 134 25.54 23.42 -40.06
CA SER D 134 25.44 24.15 -41.33
C SER D 134 26.04 25.55 -41.22
N GLU D 135 26.83 25.95 -42.23
CA GLU D 135 27.43 27.29 -42.29
C GLU D 135 26.32 28.35 -42.35
N ALA D 136 25.17 28.01 -43.00
CA ALA D 136 23.98 28.85 -43.16
C ALA D 136 23.24 29.06 -41.84
N GLU D 137 23.29 28.06 -40.94
CA GLU D 137 22.65 28.13 -39.65
C GLU D 137 23.34 29.19 -38.80
N ILE D 138 24.68 29.10 -38.70
CA ILE D 138 25.50 30.06 -37.97
C ILE D 138 25.29 31.48 -38.54
N SER D 139 25.26 31.61 -39.88
CA SER D 139 25.06 32.89 -40.56
C SER D 139 23.76 33.58 -40.11
N HIS D 140 22.66 32.81 -40.01
CA HIS D 140 21.32 33.31 -39.68
C HIS D 140 21.08 33.37 -38.16
N THR D 141 20.97 32.21 -37.51
CA THR D 141 20.64 32.06 -36.09
C THR D 141 21.74 32.46 -35.12
N GLN D 142 23.02 32.36 -35.53
CA GLN D 142 24.20 32.60 -34.68
C GLN D 142 24.19 31.54 -33.56
N LYS D 143 23.92 30.29 -33.98
CA LYS D 143 23.87 29.05 -33.21
C LYS D 143 24.30 27.90 -34.11
N ALA D 144 24.70 26.77 -33.51
CA ALA D 144 25.19 25.62 -34.27
C ALA D 144 24.62 24.30 -33.77
N THR D 145 23.58 23.77 -34.46
CA THR D 145 22.97 22.48 -34.10
C THR D 145 23.79 21.35 -34.71
N LEU D 146 24.23 20.41 -33.86
CA LEU D 146 24.94 19.20 -34.22
C LEU D 146 23.93 18.06 -34.26
N VAL D 147 24.06 17.13 -35.23
CA VAL D 147 23.12 16.00 -35.33
C VAL D 147 23.91 14.69 -35.24
N CYS D 148 23.38 13.72 -34.49
CA CYS D 148 23.94 12.39 -34.36
C CYS D 148 22.98 11.37 -34.92
N LEU D 149 23.49 10.21 -35.35
CA LEU D 149 22.64 9.16 -35.88
C LEU D 149 23.10 7.79 -35.49
N ALA D 150 22.25 7.06 -34.75
CA ALA D 150 22.46 5.68 -34.36
C ALA D 150 21.54 4.87 -35.28
N THR D 151 22.12 4.09 -36.20
CA THR D 151 21.34 3.41 -37.25
C THR D 151 21.65 1.93 -37.46
N GLY D 152 20.63 1.17 -37.83
CA GLY D 152 20.74 -0.25 -38.08
C GLY D 152 21.05 -1.07 -36.85
N PHE D 153 20.33 -0.78 -35.74
CA PHE D 153 20.47 -1.51 -34.48
C PHE D 153 19.21 -2.29 -34.19
N TYR D 154 19.35 -3.45 -33.55
CA TYR D 154 18.19 -4.26 -33.19
C TYR D 154 18.51 -5.18 -32.01
N PRO D 155 17.64 -5.28 -30.99
CA PRO D 155 16.38 -4.53 -30.78
C PRO D 155 16.61 -3.08 -30.34
N ASP D 156 15.55 -2.39 -29.86
CA ASP D 156 15.61 -0.99 -29.40
C ASP D 156 16.29 -0.93 -27.96
N HIS D 157 17.53 -1.43 -27.88
CA HIS D 157 18.30 -1.48 -26.63
C HIS D 157 19.47 -0.50 -26.67
N VAL D 158 19.18 0.80 -26.86
CA VAL D 158 20.23 1.81 -26.91
C VAL D 158 19.96 2.98 -25.97
N GLU D 159 21.06 3.62 -25.51
CA GLU D 159 21.09 4.80 -24.65
C GLU D 159 22.06 5.82 -25.27
N LEU D 160 21.54 6.97 -25.75
CA LEU D 160 22.33 8.02 -26.41
C LEU D 160 22.77 9.14 -25.44
N SER D 161 24.07 9.53 -25.48
CA SER D 161 24.63 10.60 -24.65
C SER D 161 25.63 11.53 -25.41
N TRP D 162 25.66 12.83 -25.03
CA TRP D 162 26.58 13.82 -25.64
C TRP D 162 27.69 14.18 -24.66
N TRP D 163 28.90 14.35 -25.19
CA TRP D 163 30.09 14.56 -24.38
C TRP D 163 30.93 15.71 -24.95
N VAL D 164 30.76 16.88 -24.33
CA VAL D 164 31.52 18.06 -24.70
C VAL D 164 32.71 18.11 -23.78
N ASN D 165 33.91 18.04 -24.40
CA ASN D 165 35.23 18.07 -23.75
C ASN D 165 35.27 17.19 -22.50
N GLY D 166 34.95 15.92 -22.68
CA GLY D 166 34.95 14.93 -21.61
C GLY D 166 33.78 14.85 -20.66
N LYS D 167 32.88 15.89 -20.61
CA LYS D 167 31.73 15.91 -19.66
C LYS D 167 30.39 15.63 -20.37
N GLU D 168 29.52 14.78 -19.75
CA GLU D 168 28.18 14.43 -20.29
C GLU D 168 27.32 15.68 -20.19
N VAL D 169 26.68 16.09 -21.29
CA VAL D 169 25.88 17.32 -21.28
C VAL D 169 24.43 17.02 -21.55
N HIS D 170 23.55 17.80 -20.90
CA HIS D 170 22.11 17.68 -21.06
C HIS D 170 21.53 19.00 -21.62
N SER D 171 22.16 20.16 -21.33
CA SER D 171 21.73 21.47 -21.82
C SER D 171 21.99 21.56 -23.31
N GLY D 172 20.92 21.78 -24.07
CA GLY D 172 20.97 21.89 -25.52
C GLY D 172 20.96 20.56 -26.24
N VAL D 173 20.43 19.50 -25.59
CA VAL D 173 20.35 18.18 -26.20
C VAL D 173 18.88 17.88 -26.47
N CYS D 174 18.63 16.95 -27.41
CA CYS D 174 17.32 16.54 -27.87
C CYS D 174 17.38 15.20 -28.48
N THR D 175 16.81 14.20 -27.84
CA THR D 175 16.85 12.88 -28.44
C THR D 175 15.46 12.37 -28.69
N ASP D 176 15.28 11.78 -29.89
CA ASP D 176 14.04 11.16 -30.30
C ASP D 176 13.55 10.21 -29.19
N PRO D 177 12.28 10.32 -28.75
CA PRO D 177 11.80 9.36 -27.74
C PRO D 177 11.61 7.96 -28.35
N GLN D 178 11.20 7.89 -29.63
CA GLN D 178 10.99 6.63 -30.31
C GLN D 178 11.93 6.46 -31.50
N PRO D 179 12.42 5.21 -31.76
CA PRO D 179 13.28 5.01 -32.93
C PRO D 179 12.47 4.74 -34.22
N LEU D 180 13.06 5.02 -35.39
CA LEU D 180 12.43 4.82 -36.69
C LEU D 180 12.73 3.44 -37.25
N LYS D 181 11.71 2.73 -37.76
CA LYS D 181 11.89 1.45 -38.43
C LYS D 181 12.44 1.75 -39.82
N GLU D 182 13.60 1.15 -40.17
CA GLU D 182 14.27 1.34 -41.47
C GLU D 182 13.42 0.75 -42.61
N GLN D 183 12.80 -0.43 -42.37
CA GLN D 183 11.89 -1.11 -43.30
C GLN D 183 10.58 -1.38 -42.53
N PRO D 184 9.70 -0.35 -42.34
CA PRO D 184 8.48 -0.55 -41.52
C PRO D 184 7.54 -1.65 -42.03
N ALA D 185 7.66 -1.99 -43.34
CA ALA D 185 6.88 -3.02 -44.02
C ALA D 185 7.03 -4.38 -43.31
N LEU D 186 8.29 -4.80 -43.04
CA LEU D 186 8.64 -6.07 -42.38
C LEU D 186 8.78 -5.88 -40.87
N ASN D 187 8.20 -6.81 -40.09
CA ASN D 187 8.33 -6.84 -38.62
C ASN D 187 9.74 -7.37 -38.28
N ASP D 188 10.26 -7.06 -37.06
CA ASP D 188 11.63 -7.42 -36.65
C ASP D 188 12.62 -6.63 -37.54
N SER D 189 12.28 -5.35 -37.79
CA SER D 189 13.05 -4.42 -38.60
C SER D 189 14.09 -3.77 -37.74
N ARG D 190 15.17 -3.29 -38.36
CA ARG D 190 16.23 -2.58 -37.65
C ARG D 190 15.82 -1.11 -37.43
N TYR D 191 16.31 -0.51 -36.32
CA TYR D 191 15.94 0.87 -36.01
C TYR D 191 17.03 1.90 -36.29
N ALA D 192 16.63 3.17 -36.21
CA ALA D 192 17.44 4.37 -36.38
C ALA D 192 16.96 5.43 -35.40
N LEU D 193 17.89 6.08 -34.72
CA LEU D 193 17.57 7.11 -33.75
C LEU D 193 18.49 8.31 -33.93
N SER D 194 17.93 9.52 -33.79
CA SER D 194 18.75 10.73 -33.95
C SER D 194 18.75 11.61 -32.69
N SER D 195 19.79 12.41 -32.53
CA SER D 195 19.86 13.36 -31.44
C SER D 195 20.49 14.66 -31.89
N ARG D 196 20.12 15.76 -31.22
CA ARG D 196 20.58 17.10 -31.52
C ARG D 196 21.41 17.67 -30.42
N LEU D 197 22.41 18.49 -30.74
CA LEU D 197 23.23 19.19 -29.75
C LEU D 197 23.45 20.61 -30.24
N ARG D 198 22.58 21.54 -29.84
CA ARG D 198 22.73 22.92 -30.28
C ARG D 198 23.54 23.69 -29.25
N VAL D 199 24.61 24.28 -29.73
CA VAL D 199 25.55 25.01 -28.94
C VAL D 199 25.68 26.41 -29.55
N SER D 200 26.38 27.35 -28.86
CA SER D 200 26.62 28.72 -29.33
C SER D 200 27.47 28.74 -30.61
N ALA D 201 27.29 29.80 -31.43
CA ALA D 201 28.02 30.04 -32.67
C ALA D 201 29.54 30.02 -32.44
N THR D 202 30.01 30.80 -31.45
CA THR D 202 31.41 30.97 -31.04
C THR D 202 31.98 29.70 -30.41
N PHE D 203 31.13 28.89 -29.74
CA PHE D 203 31.56 27.65 -29.11
C PHE D 203 32.07 26.64 -30.14
N TRP D 204 31.27 26.38 -31.18
CA TRP D 204 31.65 25.43 -32.21
C TRP D 204 32.78 25.96 -33.10
N GLN D 205 32.99 27.28 -33.12
CA GLN D 205 34.04 27.85 -33.93
C GLN D 205 35.43 27.68 -33.27
N ASN D 206 35.49 27.41 -31.92
CA ASN D 206 36.74 27.17 -31.17
C ASN D 206 37.29 25.77 -31.52
N PRO D 207 38.46 25.69 -32.21
CA PRO D 207 38.95 24.38 -32.69
C PRO D 207 39.43 23.41 -31.62
N ARG D 208 39.63 23.89 -30.39
CA ARG D 208 40.09 23.08 -29.27
C ARG D 208 38.87 22.45 -28.53
N ASN D 209 37.63 22.66 -29.04
CA ASN D 209 36.42 22.11 -28.43
C ASN D 209 36.10 20.75 -29.05
N HIS D 210 35.90 19.72 -28.19
CA HIS D 210 35.63 18.36 -28.61
C HIS D 210 34.18 17.92 -28.32
N PHE D 211 33.52 17.37 -29.36
CA PHE D 211 32.14 16.84 -29.34
C PHE D 211 32.15 15.34 -29.65
N ARG D 212 31.37 14.54 -28.91
CA ARG D 212 31.31 13.08 -29.12
C ARG D 212 29.96 12.52 -28.74
N CYS D 213 29.33 11.89 -29.72
CA CYS D 213 28.05 11.26 -29.55
C CYS D 213 28.29 9.82 -29.16
N GLN D 214 27.84 9.43 -27.96
CA GLN D 214 28.02 8.09 -27.43
C GLN D 214 26.70 7.29 -27.46
N VAL D 215 26.76 6.04 -27.98
CA VAL D 215 25.57 5.19 -28.01
C VAL D 215 25.92 3.89 -27.34
N GLN D 216 25.26 3.63 -26.22
CA GLN D 216 25.40 2.39 -25.46
C GLN D 216 24.46 1.36 -26.07
N PHE D 217 24.94 0.13 -26.24
CA PHE D 217 24.11 -0.93 -26.77
C PHE D 217 24.03 -2.03 -25.77
N TYR D 218 22.81 -2.50 -25.44
CA TYR D 218 22.64 -3.60 -24.51
C TYR D 218 22.28 -4.83 -25.30
N GLY D 219 23.34 -5.48 -25.81
CA GLY D 219 23.29 -6.66 -26.66
C GLY D 219 23.23 -7.99 -25.95
N LEU D 220 24.00 -8.95 -26.44
CA LEU D 220 23.98 -10.31 -25.91
C LEU D 220 25.00 -10.53 -24.76
N SER D 221 24.76 -11.59 -23.96
CA SER D 221 25.57 -12.05 -22.82
C SER D 221 26.84 -12.82 -23.26
N GLU D 222 27.83 -12.98 -22.33
CA GLU D 222 29.04 -13.79 -22.55
C GLU D 222 28.61 -15.25 -22.58
N ASN D 223 27.61 -15.59 -21.71
CA ASN D 223 26.98 -16.90 -21.56
C ASN D 223 25.72 -17.00 -22.47
N ASP D 224 25.97 -16.75 -23.77
CA ASP D 224 25.11 -16.81 -24.97
C ASP D 224 26.01 -17.29 -26.11
N GLU D 225 25.51 -18.11 -27.04
CA GLU D 225 26.42 -18.59 -28.07
C GLU D 225 26.23 -17.95 -29.44
N TRP D 226 27.37 -17.72 -30.11
CA TRP D 226 27.48 -17.12 -31.42
C TRP D 226 28.07 -18.09 -32.41
N THR D 227 27.49 -18.12 -33.61
CA THR D 227 27.88 -19.02 -34.70
C THR D 227 28.51 -18.29 -35.88
N GLN D 228 28.11 -17.01 -36.13
CA GLN D 228 28.58 -16.20 -37.26
C GLN D 228 30.08 -15.85 -37.15
N ASP D 229 30.76 -15.82 -38.30
C ASP D 229 31.75 -12.76 -38.92
N ARG D 230 30.45 -12.39 -38.91
CA ARG D 230 29.94 -11.29 -38.10
C ARG D 230 30.39 -11.41 -36.64
N ALA D 231 30.89 -10.31 -36.06
CA ALA D 231 31.32 -10.29 -34.66
C ALA D 231 30.11 -10.25 -33.72
N LYS D 232 30.22 -10.94 -32.56
CA LYS D 232 29.17 -11.07 -31.54
C LYS D 232 28.59 -9.70 -31.14
N PRO D 233 27.26 -9.51 -31.34
CA PRO D 233 26.65 -8.22 -30.95
C PRO D 233 26.35 -8.22 -29.44
N VAL D 234 27.41 -8.04 -28.67
CA VAL D 234 27.36 -8.00 -27.21
C VAL D 234 27.07 -6.59 -26.75
N THR D 235 26.93 -6.40 -25.42
CA THR D 235 26.77 -5.06 -24.85
C THR D 235 28.08 -4.32 -25.17
N GLN D 236 27.94 -3.12 -25.74
CA GLN D 236 29.07 -2.30 -26.17
C GLN D 236 28.68 -0.84 -26.35
N ILE D 237 29.69 0.00 -26.56
CA ILE D 237 29.52 1.43 -26.81
C ILE D 237 30.16 1.74 -28.15
N VAL D 238 29.42 2.45 -29.00
CA VAL D 238 29.80 2.91 -30.34
C VAL D 238 29.69 4.44 -30.33
N SER D 239 30.75 5.13 -30.77
CA SER D 239 30.76 6.59 -30.71
C SER D 239 31.20 7.25 -31.99
N ALA D 240 30.83 8.52 -32.15
CA ALA D 240 31.18 9.39 -33.27
C ALA D 240 31.66 10.73 -32.72
N GLU D 241 32.77 11.24 -33.25
CA GLU D 241 33.39 12.49 -32.79
C GLU D 241 33.21 13.66 -33.73
N ALA D 242 33.49 14.85 -33.21
CA ALA D 242 33.48 16.13 -33.88
C ALA D 242 34.39 17.10 -33.13
N TRP D 243 35.12 17.93 -33.87
CA TRP D 243 36.00 18.94 -33.31
C TRP D 243 35.56 20.32 -33.80
N GLY D 244 35.86 21.35 -33.01
CA GLY D 244 35.55 22.73 -33.35
C GLY D 244 36.18 23.16 -34.67
N ARG D 245 35.49 24.01 -35.44
CA ARG D 245 35.99 24.44 -36.76
C ARG D 245 35.70 25.94 -37.04
N ALA D 246 36.75 26.71 -37.37
CA ALA D 246 36.63 28.13 -37.68
C ALA D 246 36.97 28.39 -39.16
#